data_5HH3
#
_entry.id   5HH3
#
_cell.length_a   58.490
_cell.length_b   103.060
_cell.length_c   152.970
_cell.angle_alpha   90.00
_cell.angle_beta   90.00
_cell.angle_gamma   90.00
#
_symmetry.space_group_name_H-M   'P 21 21 21'
#
loop_
_entity.id
_entity.type
_entity.pdbx_description
1 polymer 'OxyA protein'
2 non-polymer 'PROTOPORPHYRIN IX CONTAINING FE'
3 non-polymer GLYCEROL
4 non-polymer 'ACETATE ION'
5 water water
#
_entity_poly.entity_id   1
_entity_poly.type   'polypeptide(L)'
_entity_poly.pdbx_seq_one_letter_code
;GIDPFTMFEEINVVRAAELHRRDRFDPVPQLRSLMAEGPLTTLGTEESPGGRTAWLATGYDEIRQVLSSDDFSARLLYGG
TAAGITWPGFLTQYDPPEHTRLRRMVAPAFAVRRMQKFQPQVERVVQDSLDAIEALGGPVDFVPRFGWSVATTATCDFLG
IPRDDQADLARSLHASRTERSGKRRTAAGNKFMTYMNKMTARTRRDPGDDMFGVVVREYGDEITDAELTGVAAFVMGAGA
DQVARFLAAGAWLMADDPEQFALLREKPDTVPDWLDEVIRYLTTDEKTHPRVATDDVRIGDHLIKAGDTVTCSLLAANRR
NFPRPEDRFDITRVRPEHLAFGHGIHHCLGRSLAELVFRTAIPALAHRFPTLRLAEPHREIRLGPPPFDVEALLLDW
;
_entity_poly.pdbx_strand_id   A,C
#
loop_
_chem_comp.id
_chem_comp.type
_chem_comp.name
_chem_comp.formula
ACT non-polymer 'ACETATE ION' 'C2 H3 O2 -1'
GOL non-polymer GLYCEROL 'C3 H8 O3'
HEM non-polymer 'PROTOPORPHYRIN IX CONTAINING FE' 'C34 H32 Fe N4 O4'
#
# COMPACT_ATOMS: atom_id res chain seq x y z
N GLU A 9 -0.16 -19.04 -9.26
CA GLU A 9 0.79 -18.06 -9.89
C GLU A 9 1.70 -17.29 -8.92
N GLU A 10 1.35 -17.26 -7.63
CA GLU A 10 2.17 -16.54 -6.64
C GLU A 10 3.50 -17.24 -6.25
N ILE A 11 3.52 -18.58 -6.23
CA ILE A 11 4.76 -19.35 -6.00
C ILE A 11 5.84 -19.05 -7.07
N ASN A 12 5.43 -18.68 -8.27
CA ASN A 12 6.37 -18.33 -9.36
C ASN A 12 7.28 -17.12 -9.11
N VAL A 13 6.91 -16.29 -8.13
CA VAL A 13 7.74 -15.15 -7.69
C VAL A 13 8.79 -15.61 -6.64
N VAL A 14 8.41 -16.57 -5.80
CA VAL A 14 9.37 -17.31 -4.94
C VAL A 14 10.43 -18.02 -5.79
N ARG A 15 9.96 -18.75 -6.81
CA ARG A 15 10.82 -19.50 -7.76
C ARG A 15 11.91 -18.65 -8.44
N ALA A 16 11.52 -17.46 -8.87
CA ALA A 16 12.46 -16.50 -9.47
C ALA A 16 13.60 -16.15 -8.52
N ALA A 17 13.25 -15.91 -7.24
CA ALA A 17 14.22 -15.54 -6.21
C ALA A 17 15.31 -16.59 -6.02
N GLU A 18 14.91 -17.86 -6.08
CA GLU A 18 15.84 -18.99 -5.95
C GLU A 18 16.90 -19.00 -7.07
N LEU A 19 16.50 -18.63 -8.29
CA LEU A 19 17.41 -18.61 -9.45
C LEU A 19 18.45 -17.47 -9.46
N HIS A 20 18.31 -16.51 -8.55
CA HIS A 20 19.21 -15.34 -8.53
C HIS A 20 20.14 -15.25 -7.32
N ARG A 21 20.54 -16.43 -6.83
CA ARG A 21 21.65 -16.57 -5.89
C ARG A 21 22.96 -16.50 -6.68
N ARG A 22 24.10 -16.49 -5.97
CA ARG A 22 25.41 -16.31 -6.62
C ARG A 22 26.50 -17.24 -6.04
N ASP A 23 27.34 -17.80 -6.93
CA ASP A 23 28.60 -18.44 -6.54
C ASP A 23 29.66 -17.35 -6.53
N ARG A 24 29.91 -16.75 -5.36
CA ARG A 24 30.73 -15.54 -5.24
C ARG A 24 30.12 -14.41 -6.11
N PHE A 25 30.81 -13.96 -7.16
CA PHE A 25 30.23 -12.97 -8.11
C PHE A 25 29.50 -13.61 -9.31
N ASP A 26 29.54 -14.94 -9.43
CA ASP A 26 29.00 -15.64 -10.61
C ASP A 26 27.54 -16.03 -10.37
N PRO A 27 26.73 -16.11 -11.45
CA PRO A 27 25.40 -16.74 -11.31
C PRO A 27 25.47 -18.25 -11.05
N VAL A 28 24.43 -18.81 -10.45
CA VAL A 28 24.41 -20.24 -10.10
C VAL A 28 24.12 -21.10 -11.34
N PRO A 29 24.50 -22.40 -11.30
CA PRO A 29 24.25 -23.32 -12.43
C PRO A 29 22.79 -23.42 -12.93
N GLN A 30 21.82 -23.38 -12.00
CA GLN A 30 20.39 -23.45 -12.35
C GLN A 30 19.97 -22.34 -13.33
N LEU A 31 20.44 -21.12 -13.10
CA LEU A 31 20.14 -19.99 -13.99
C LEU A 31 20.80 -20.16 -15.36
N ARG A 32 22.08 -20.50 -15.37
CA ARG A 32 22.83 -20.82 -16.61
C ARG A 32 22.11 -21.81 -17.53
N SER A 33 21.50 -22.82 -16.92
CA SER A 33 20.76 -23.85 -17.63
C SER A 33 19.56 -23.24 -18.35
N LEU A 34 18.84 -22.35 -17.68
CA LEU A 34 17.73 -21.61 -18.30
C LEU A 34 18.21 -20.65 -19.40
N MET A 35 19.39 -20.05 -19.20
CA MET A 35 19.96 -19.09 -20.17
C MET A 35 20.29 -19.77 -21.49
N ALA A 36 20.96 -20.93 -21.43
CA ALA A 36 21.30 -21.71 -22.62
C ALA A 36 20.10 -22.40 -23.26
N GLU A 37 19.02 -22.61 -22.51
CA GLU A 37 17.78 -23.20 -23.04
C GLU A 37 17.20 -22.29 -24.12
N GLY A 38 17.03 -21.01 -23.79
CA GLY A 38 16.65 -20.00 -24.80
C GLY A 38 16.54 -18.62 -24.20
N PRO A 39 16.09 -17.63 -25.01
CA PRO A 39 15.91 -16.25 -24.51
C PRO A 39 14.74 -16.10 -23.54
N LEU A 40 13.79 -17.04 -23.55
CA LEU A 40 12.56 -16.91 -22.80
C LEU A 40 12.07 -18.31 -22.44
N THR A 41 12.01 -18.60 -21.14
CA THR A 41 11.64 -19.93 -20.64
C THR A 41 10.47 -19.86 -19.66
N THR A 42 9.75 -20.97 -19.55
CA THR A 42 8.64 -21.13 -18.60
C THR A 42 9.18 -21.35 -17.18
N LEU A 43 8.69 -20.58 -16.21
CA LEU A 43 8.93 -20.83 -14.78
C LEU A 43 7.87 -21.80 -14.26
N GLY A 44 6.60 -21.51 -14.56
CA GLY A 44 5.48 -22.40 -14.23
C GLY A 44 4.25 -22.19 -15.09
N THR A 45 3.33 -23.16 -14.99
CA THR A 45 2.02 -23.11 -15.65
C THR A 45 1.04 -24.12 -15.02
N GLY A 51 -5.01 -21.51 -17.53
CA GLY A 51 -4.07 -21.66 -18.62
C GLY A 51 -3.13 -20.47 -18.70
N ARG A 52 -2.62 -20.03 -17.55
CA ARG A 52 -1.71 -18.89 -17.51
C ARG A 52 -0.29 -19.36 -17.20
N THR A 53 0.68 -18.59 -17.68
CA THR A 53 2.09 -19.01 -17.70
C THR A 53 2.94 -17.90 -17.10
N ALA A 54 3.86 -18.28 -16.22
CA ALA A 54 4.89 -17.37 -15.72
C ALA A 54 6.19 -17.64 -16.46
N TRP A 55 6.69 -16.62 -17.16
CA TRP A 55 7.91 -16.70 -17.95
C TRP A 55 9.11 -15.98 -17.28
N LEU A 56 10.32 -16.46 -17.56
CA LEU A 56 11.55 -15.73 -17.21
C LEU A 56 12.21 -15.28 -18.52
N ALA A 57 12.54 -14.00 -18.60
CA ALA A 57 13.22 -13.45 -19.78
C ALA A 57 14.68 -13.27 -19.42
N THR A 58 15.53 -13.97 -20.15
CA THR A 58 16.99 -13.91 -19.99
C THR A 58 17.70 -13.27 -21.19
N GLY A 59 17.05 -13.23 -22.36
CA GLY A 59 17.60 -12.56 -23.54
C GLY A 59 17.62 -11.03 -23.42
N TYR A 60 18.73 -10.43 -23.82
CA TYR A 60 18.89 -9.00 -23.80
C TYR A 60 17.80 -8.28 -24.61
N ASP A 61 17.60 -8.71 -25.85
CA ASP A 61 16.59 -8.07 -26.69
C ASP A 61 15.18 -8.25 -26.13
N GLU A 62 14.90 -9.46 -25.65
CA GLU A 62 13.56 -9.86 -25.21
C GLU A 62 13.15 -9.11 -23.94
N ILE A 63 14.09 -8.97 -23.00
CA ILE A 63 13.91 -8.11 -21.83
C ILE A 63 13.53 -6.65 -22.17
N ARG A 64 14.26 -6.05 -23.11
CA ARG A 64 13.95 -4.70 -23.56
C ARG A 64 12.54 -4.61 -24.19
N GLN A 65 12.16 -5.63 -24.95
CA GLN A 65 10.84 -5.70 -25.57
C GLN A 65 9.77 -5.74 -24.51
N VAL A 66 10.00 -6.56 -23.47
CA VAL A 66 9.04 -6.70 -22.37
C VAL A 66 8.94 -5.40 -21.57
N LEU A 67 10.08 -4.83 -21.17
CA LEU A 67 10.09 -3.67 -20.26
C LEU A 67 9.66 -2.37 -20.93
N SER A 68 9.72 -2.31 -22.26
CA SER A 68 9.33 -1.14 -23.05
C SER A 68 7.95 -1.26 -23.72
N SER A 69 7.33 -2.45 -23.67
CA SER A 69 6.00 -2.65 -24.26
C SER A 69 4.91 -1.95 -23.43
N ASP A 70 3.96 -1.30 -24.10
CA ASP A 70 2.75 -0.83 -23.44
C ASP A 70 1.67 -1.91 -23.17
N ASP A 71 1.91 -3.15 -23.59
CA ASP A 71 1.00 -4.28 -23.31
C ASP A 71 1.37 -5.08 -22.05
N PHE A 72 2.22 -4.52 -21.18
CA PHE A 72 2.43 -5.07 -19.84
C PHE A 72 2.15 -4.01 -18.78
N SER A 73 1.74 -4.46 -17.59
CA SER A 73 1.52 -3.61 -16.43
C SER A 73 2.45 -4.10 -15.33
N ALA A 74 3.02 -3.17 -14.57
CA ALA A 74 3.82 -3.51 -13.39
C ALA A 74 2.98 -3.66 -12.13
N ARG A 75 1.68 -3.37 -12.21
CA ARG A 75 0.75 -3.50 -11.06
C ARG A 75 0.65 -4.94 -10.53
N LEU A 76 0.49 -5.10 -9.22
CA LEU A 76 0.13 -6.40 -8.63
C LEU A 76 -1.29 -6.81 -9.09
N LEU A 77 -2.26 -5.90 -8.89
CA LEU A 77 -3.67 -6.10 -9.29
C LEU A 77 -4.06 -5.26 -10.51
N THR A 81 -7.72 -1.45 -6.83
CA THR A 81 -7.60 -0.15 -6.18
C THR A 81 -6.43 0.65 -6.74
N ALA A 82 -6.62 1.95 -6.94
CA ALA A 82 -5.56 2.83 -7.47
C ALA A 82 -4.27 2.76 -6.64
N ALA A 83 -3.13 2.76 -7.33
CA ALA A 83 -1.81 2.68 -6.67
C ALA A 83 -1.63 3.70 -5.54
N GLY A 84 -2.15 4.92 -5.76
CA GLY A 84 -2.04 6.04 -4.83
C GLY A 84 -2.58 5.83 -3.41
N ILE A 85 -3.56 4.94 -3.25
CA ILE A 85 -4.14 4.66 -1.93
C ILE A 85 -3.21 3.82 -1.04
N THR A 86 -2.82 2.64 -1.51
CA THR A 86 -1.98 1.75 -0.69
C THR A 86 -0.49 1.95 -0.94
N TRP A 87 -0.12 2.43 -2.14
CA TRP A 87 1.29 2.62 -2.48
C TRP A 87 1.66 4.06 -2.91
N PRO A 88 1.22 5.09 -2.13
CA PRO A 88 1.50 6.47 -2.58
C PRO A 88 2.99 6.72 -2.77
N GLY A 89 3.38 7.16 -3.96
CA GLY A 89 4.78 7.50 -4.22
C GLY A 89 5.69 6.33 -4.46
N PHE A 90 5.12 5.13 -4.61
CA PHE A 90 5.87 3.92 -4.95
C PHE A 90 5.67 3.71 -6.45
N LEU A 91 6.55 4.31 -7.25
CA LEU A 91 6.34 4.50 -8.69
C LEU A 91 6.20 3.21 -9.51
N THR A 92 6.90 2.17 -9.07
CA THR A 92 6.95 0.95 -9.84
C THR A 92 5.61 0.17 -9.68
N GLN A 93 4.71 0.66 -8.82
CA GLN A 93 3.31 0.20 -8.76
C GLN A 93 2.26 1.11 -9.43
N TYR A 94 2.69 2.12 -10.20
CA TYR A 94 1.76 2.92 -11.00
C TYR A 94 1.86 2.48 -12.47
N ASP A 95 0.73 2.60 -13.18
CA ASP A 95 0.70 2.54 -14.65
C ASP A 95 0.42 3.96 -15.16
N PRO A 96 0.75 4.23 -16.46
CA PRO A 96 0.37 5.53 -17.04
C PRO A 96 -1.16 5.66 -17.16
N PRO A 97 -1.73 6.88 -17.12
CA PRO A 97 -1.00 8.14 -17.02
C PRO A 97 -0.69 8.60 -15.59
N GLU A 98 -1.10 7.87 -14.56
CA GLU A 98 -0.81 8.24 -13.16
C GLU A 98 0.70 8.17 -12.89
N HIS A 99 1.34 7.13 -13.43
CA HIS A 99 2.78 7.00 -13.32
C HIS A 99 3.50 8.21 -13.92
N THR A 100 3.06 8.62 -15.10
CA THR A 100 3.66 9.73 -15.85
C THR A 100 3.59 11.06 -15.09
N ARG A 101 2.42 11.36 -14.52
CA ARG A 101 2.22 12.58 -13.71
C ARG A 101 3.17 12.61 -12.50
N LEU A 102 3.25 11.51 -11.75
CA LEU A 102 4.02 11.51 -10.52
C LEU A 102 5.53 11.52 -10.77
N ARG A 103 5.98 10.72 -11.73
CA ARG A 103 7.38 10.69 -12.10
C ARG A 103 7.88 12.05 -12.63
N ARG A 104 7.04 12.72 -13.43
CA ARG A 104 7.33 14.08 -13.93
C ARG A 104 7.62 15.06 -12.79
N MET A 105 6.85 14.98 -11.70
CA MET A 105 7.01 15.90 -10.58
C MET A 105 8.28 15.70 -9.77
N VAL A 106 8.77 14.45 -9.69
CA VAL A 106 9.98 14.15 -8.89
C VAL A 106 11.30 14.08 -9.69
N ALA A 107 11.20 13.84 -11.00
CA ALA A 107 12.35 13.73 -11.89
C ALA A 107 13.36 14.91 -11.85
N PRO A 108 12.89 16.18 -11.75
CA PRO A 108 13.83 17.32 -11.68
C PRO A 108 14.81 17.30 -10.48
N ALA A 109 14.47 16.60 -9.40
CA ALA A 109 15.42 16.41 -8.29
C ALA A 109 16.62 15.53 -8.68
N PHE A 110 16.48 14.76 -9.77
CA PHE A 110 17.52 13.84 -10.26
C PHE A 110 18.19 14.26 -11.58
N ALA A 111 17.96 15.50 -12.00
CA ALA A 111 18.53 16.02 -13.26
C ALA A 111 20.04 16.23 -13.14
N VAL A 112 20.71 16.14 -14.29
CA VAL A 112 22.19 16.24 -14.37
C VAL A 112 22.75 17.46 -13.61
N ARG A 113 22.13 18.62 -13.78
CA ARG A 113 22.57 19.86 -13.14
C ARG A 113 22.59 19.78 -11.61
N ARG A 114 21.51 19.28 -11.02
CA ARG A 114 21.47 19.10 -9.56
C ARG A 114 22.43 18.01 -9.07
N MET A 115 22.68 17.01 -9.90
CA MET A 115 23.60 15.94 -9.54
C MET A 115 25.06 16.42 -9.54
N GLN A 116 25.45 17.17 -10.57
CA GLN A 116 26.77 17.84 -10.63
C GLN A 116 27.01 18.75 -9.42
N LYS A 117 25.99 19.53 -9.06
CA LYS A 117 26.06 20.44 -7.91
C LYS A 117 26.07 19.73 -6.56
N PHE A 118 25.58 18.50 -6.52
CA PHE A 118 25.67 17.67 -5.32
C PHE A 118 27.04 17.01 -5.13
N GLN A 119 27.80 16.84 -6.22
CA GLN A 119 29.08 16.09 -6.20
C GLN A 119 30.10 16.50 -5.12
N PRO A 120 30.29 17.82 -4.88
CA PRO A 120 31.20 18.22 -3.80
C PRO A 120 30.83 17.68 -2.42
N GLN A 121 29.54 17.65 -2.09
CA GLN A 121 29.07 17.11 -0.81
C GLN A 121 29.27 15.59 -0.73
N VAL A 122 29.03 14.90 -1.84
CA VAL A 122 29.23 13.46 -1.91
C VAL A 122 30.72 13.12 -1.73
N GLU A 123 31.59 13.96 -2.29
CA GLU A 123 33.05 13.82 -2.08
C GLU A 123 33.42 13.91 -0.60
N ARG A 124 32.89 14.92 0.11
CA ARG A 124 33.14 15.05 1.55
C ARG A 124 32.60 13.85 2.35
N VAL A 125 31.44 13.32 1.95
CA VAL A 125 30.85 12.15 2.64
C VAL A 125 31.80 10.96 2.62
N VAL A 126 32.40 10.70 1.45
CA VAL A 126 33.33 9.58 1.29
C VAL A 126 34.66 9.82 2.03
N GLN A 127 35.18 11.04 1.97
CA GLN A 127 36.43 11.37 2.66
C GLN A 127 36.30 11.22 4.18
N ASP A 128 35.18 11.67 4.76
CA ASP A 128 34.95 11.54 6.19
C ASP A 128 34.66 10.11 6.62
N SER A 129 33.96 9.35 5.78
CA SER A 129 33.77 7.90 5.97
C SER A 129 35.10 7.14 5.94
N LEU A 130 36.02 7.59 5.09
CA LEU A 130 37.38 7.01 5.03
C LEU A 130 38.29 7.49 6.18
N ASP A 131 38.13 8.73 6.62
CA ASP A 131 38.87 9.24 7.80
C ASP A 131 38.56 8.43 9.07
N ALA A 132 37.31 8.01 9.24
CA ALA A 132 36.90 7.18 10.37
C ALA A 132 37.51 5.76 10.35
N ILE A 133 37.54 5.15 9.16
CA ILE A 133 38.09 3.79 8.97
C ILE A 133 39.59 3.72 9.29
N GLU A 134 40.34 4.72 8.84
CA GLU A 134 41.78 4.79 9.07
C GLU A 134 42.11 5.00 10.54
N ALA A 135 41.32 5.83 11.21
CA ALA A 135 41.44 6.05 12.66
C ALA A 135 41.17 4.76 13.46
N LEU A 136 40.16 3.99 13.03
CA LEU A 136 39.85 2.69 13.64
C LEU A 136 40.94 1.62 13.41
N GLY A 137 41.64 1.68 12.28
CA GLY A 137 42.74 0.77 12.00
C GLY A 137 42.31 -0.61 11.54
N GLY A 138 43.19 -1.27 10.77
CA GLY A 138 42.90 -2.57 10.16
C GLY A 138 43.23 -3.74 11.08
N PRO A 139 42.40 -4.80 11.10
CA PRO A 139 41.27 -5.01 10.18
C PRO A 139 39.97 -4.31 10.61
N VAL A 140 38.98 -4.27 9.71
CA VAL A 140 37.71 -3.56 9.94
C VAL A 140 36.61 -3.99 8.94
N ASP A 141 35.36 -4.04 9.41
CA ASP A 141 34.19 -4.43 8.60
C ASP A 141 33.67 -3.28 7.70
N PHE A 142 33.87 -3.43 6.39
CA PHE A 142 33.50 -2.40 5.40
C PHE A 142 32.00 -2.35 5.05
N VAL A 143 31.25 -3.38 5.46
CA VAL A 143 29.80 -3.38 5.23
C VAL A 143 29.14 -2.20 5.98
N PRO A 144 29.35 -2.08 7.31
CA PRO A 144 28.81 -0.90 8.02
C PRO A 144 29.60 0.40 7.83
N ARG A 145 30.94 0.33 7.90
CA ARG A 145 31.77 1.54 7.96
C ARG A 145 32.00 2.24 6.61
N PHE A 146 31.93 1.50 5.51
CA PHE A 146 32.01 2.09 4.15
C PHE A 146 30.66 2.07 3.45
N GLY A 147 30.08 0.88 3.27
CA GLY A 147 28.83 0.71 2.53
C GLY A 147 27.65 1.46 3.12
N TRP A 148 27.29 1.11 4.35
CA TRP A 148 26.14 1.71 5.04
C TRP A 148 26.35 3.20 5.32
N SER A 149 27.55 3.55 5.76
CA SER A 149 27.91 4.93 6.14
C SER A 149 27.83 5.93 4.98
N VAL A 150 28.44 5.57 3.87
CA VAL A 150 28.44 6.44 2.67
C VAL A 150 27.01 6.56 2.09
N ALA A 151 26.33 5.42 1.96
CA ALA A 151 25.00 5.36 1.35
C ALA A 151 23.93 6.16 2.09
N THR A 152 23.86 5.96 3.41
CA THR A 152 22.84 6.62 4.23
C THR A 152 23.14 8.09 4.37
N THR A 153 24.42 8.46 4.58
CA THR A 153 24.80 9.87 4.68
C THR A 153 24.55 10.63 3.37
N ALA A 154 24.93 10.02 2.24
CA ALA A 154 24.69 10.66 0.93
C ALA A 154 23.20 10.81 0.63
N THR A 155 22.42 9.78 0.94
CA THR A 155 20.97 9.79 0.66
C THR A 155 20.26 10.78 1.60
N CYS A 156 20.59 10.74 2.89
CA CYS A 156 20.09 11.75 3.84
C CYS A 156 20.45 13.17 3.40
N ASP A 157 21.69 13.38 2.96
CA ASP A 157 22.13 14.73 2.48
C ASP A 157 21.31 15.18 1.27
N PHE A 158 21.12 14.27 0.31
CA PHE A 158 20.27 14.52 -0.86
C PHE A 158 18.83 14.95 -0.50
N LEU A 159 18.26 14.29 0.50
CA LEU A 159 16.91 14.66 1.01
C LEU A 159 16.88 15.88 1.94
N GLY A 160 18.04 16.32 2.44
CA GLY A 160 18.12 17.47 3.33
C GLY A 160 17.74 17.13 4.77
N ILE A 161 17.96 15.89 5.18
CA ILE A 161 17.76 15.50 6.57
C ILE A 161 18.90 16.18 7.36
N PRO A 162 18.60 16.99 8.39
CA PRO A 162 19.68 17.66 9.16
C PRO A 162 20.69 16.65 9.71
N ARG A 163 21.98 16.99 9.71
CA ARG A 163 23.03 16.02 10.06
C ARG A 163 22.87 15.42 11.44
N ASP A 164 22.33 16.19 12.40
CA ASP A 164 22.16 15.72 13.79
C ASP A 164 21.18 14.56 13.94
N ASP A 165 20.23 14.41 13.01
CA ASP A 165 19.18 13.39 13.06
C ASP A 165 19.44 12.13 12.22
N GLN A 166 20.45 12.18 11.35
CA GLN A 166 20.70 11.12 10.37
C GLN A 166 21.03 9.77 11.00
N ALA A 167 21.84 9.77 12.05
CA ALA A 167 22.30 8.54 12.69
C ALA A 167 21.12 7.76 13.21
N ASP A 168 20.21 8.44 13.90
CA ASP A 168 19.00 7.83 14.47
C ASP A 168 17.97 7.45 13.41
N LEU A 169 17.83 8.28 12.37
CA LEU A 169 16.92 7.95 11.27
C LEU A 169 17.40 6.70 10.54
N ALA A 170 18.69 6.69 10.16
CA ALA A 170 19.32 5.51 9.53
C ALA A 170 19.23 4.25 10.40
N ARG A 171 19.40 4.41 11.72
CA ARG A 171 19.27 3.28 12.66
C ARG A 171 17.86 2.71 12.66
N SER A 172 16.85 3.59 12.66
CA SER A 172 15.47 3.13 12.65
C SER A 172 15.07 2.47 11.30
N LEU A 173 15.60 2.94 10.19
CA LEU A 173 15.37 2.30 8.89
C LEU A 173 15.91 0.86 8.91
N HIS A 174 17.19 0.74 9.29
CA HIS A 174 17.84 -0.55 9.43
C HIS A 174 17.10 -1.48 10.39
N ALA A 175 16.74 -0.98 11.58
CA ALA A 175 16.01 -1.78 12.55
C ALA A 175 14.64 -2.25 11.98
N SER A 176 13.95 -1.37 11.25
CA SER A 176 12.65 -1.74 10.69
C SER A 176 12.76 -2.88 9.67
N ARG A 177 13.92 -3.04 9.02
CA ARG A 177 14.18 -4.11 8.05
C ARG A 177 14.84 -5.37 8.60
N THR A 178 15.52 -5.30 9.75
CA THR A 178 16.44 -6.40 10.17
C THR A 178 16.35 -6.86 11.60
N GLU A 179 15.60 -6.17 12.43
CA GLU A 179 15.64 -6.39 13.85
C GLU A 179 15.11 -7.80 14.18
N ARG A 180 15.78 -8.50 15.10
CA ARG A 180 15.46 -9.89 15.42
C ARG A 180 14.22 -10.01 16.28
N SER A 181 13.77 -8.89 16.83
CA SER A 181 12.50 -8.77 17.53
C SER A 181 11.48 -8.11 16.61
N GLY A 182 10.39 -8.82 16.32
CA GLY A 182 9.33 -8.25 15.47
C GLY A 182 8.68 -7.02 16.07
N LYS A 183 8.56 -6.99 17.39
CA LYS A 183 8.01 -5.84 18.11
C LYS A 183 8.85 -4.59 17.86
N ARG A 184 10.16 -4.74 17.98
CA ARG A 184 11.10 -3.63 17.77
C ARG A 184 11.12 -3.19 16.28
N ARG A 185 10.82 -4.10 15.35
CA ARG A 185 10.63 -3.72 13.92
C ARG A 185 9.47 -2.76 13.72
N THR A 186 8.35 -3.06 14.35
CA THR A 186 7.18 -2.17 14.31
C THR A 186 7.51 -0.79 14.85
N ALA A 187 8.07 -0.74 16.04
CA ALA A 187 8.41 0.54 16.68
C ALA A 187 9.35 1.36 15.80
N ALA A 188 10.37 0.71 15.26
CA ALA A 188 11.35 1.37 14.40
C ALA A 188 10.75 1.87 13.09
N GLY A 189 9.85 1.08 12.50
CA GLY A 189 9.12 1.50 11.29
C GLY A 189 8.25 2.72 11.56
N ASN A 190 7.62 2.74 12.73
CA ASN A 190 6.85 3.91 13.15
C ASN A 190 7.74 5.14 13.39
N LYS A 191 8.90 4.94 14.02
CA LYS A 191 9.85 6.02 14.26
C LYS A 191 10.33 6.61 12.94
N PHE A 192 10.68 5.72 12.01
CA PHE A 192 11.14 6.11 10.70
C PHE A 192 10.11 6.93 9.94
N MET A 193 8.86 6.46 9.90
CA MET A 193 7.83 7.09 9.06
C MET A 193 7.35 8.41 9.64
N THR A 194 7.25 8.49 10.97
CA THR A 194 6.91 9.75 11.64
C THR A 194 7.89 10.83 11.26
N TYR A 195 9.18 10.47 11.24
CA TYR A 195 10.22 11.41 10.86
C TYR A 195 10.08 11.85 9.41
N MET A 196 9.74 10.93 8.52
CA MET A 196 9.54 11.28 7.09
C MET A 196 8.34 12.22 6.92
N ASN A 197 7.24 11.94 7.64
CA ASN A 197 6.08 12.85 7.72
C ASN A 197 6.42 14.25 8.22
N LYS A 198 7.22 14.33 9.28
CA LYS A 198 7.61 15.64 9.83
C LYS A 198 8.47 16.41 8.85
N MET A 199 9.36 15.71 8.14
CA MET A 199 10.12 16.29 7.03
C MET A 199 9.22 16.89 5.95
N THR A 200 8.17 16.15 5.56
CA THR A 200 7.18 16.66 4.58
C THR A 200 6.53 17.97 5.08
N ALA A 201 6.16 18.01 6.37
CA ALA A 201 5.53 19.22 6.96
C ALA A 201 6.46 20.44 6.93
N ARG A 202 7.72 20.25 7.31
CA ARG A 202 8.72 21.33 7.33
C ARG A 202 8.99 21.87 5.93
N THR A 203 8.94 21.00 4.93
CA THR A 203 9.09 21.41 3.54
C THR A 203 7.91 22.23 3.08
N ARG A 204 6.71 21.81 3.42
CA ARG A 204 5.50 22.53 3.01
C ARG A 204 5.47 23.98 3.56
N ARG A 205 5.92 24.15 4.80
CA ARG A 205 6.04 25.48 5.40
C ARG A 205 7.23 26.25 4.83
N ASP A 206 8.39 25.61 4.76
CA ASP A 206 9.64 26.30 4.43
C ASP A 206 10.59 25.47 3.55
N PRO A 207 10.29 25.40 2.23
CA PRO A 207 11.07 24.49 1.34
C PRO A 207 12.55 24.85 1.20
N GLY A 208 13.43 23.85 1.38
CA GLY A 208 14.89 24.03 1.38
C GLY A 208 15.59 23.62 0.09
N ASP A 209 16.92 23.61 0.11
CA ASP A 209 17.73 23.23 -1.07
C ASP A 209 18.00 21.72 -1.04
N ASP A 210 16.98 20.96 -1.43
CA ASP A 210 17.02 19.50 -1.35
C ASP A 210 15.89 18.89 -2.19
N MET A 211 15.79 17.56 -2.22
CA MET A 211 14.76 16.89 -3.00
C MET A 211 13.37 17.41 -2.64
N PHE A 212 13.06 17.38 -1.35
CA PHE A 212 11.75 17.85 -0.85
C PHE A 212 11.44 19.26 -1.41
N GLY A 213 12.35 20.18 -1.15
CA GLY A 213 12.17 21.58 -1.51
C GLY A 213 12.02 21.79 -3.00
N VAL A 214 12.90 21.15 -3.77
CA VAL A 214 12.86 21.26 -5.24
C VAL A 214 11.50 20.83 -5.79
N VAL A 215 10.99 19.70 -5.30
CA VAL A 215 9.68 19.21 -5.72
C VAL A 215 8.55 20.19 -5.36
N VAL A 216 8.55 20.66 -4.10
CA VAL A 216 7.49 21.54 -3.57
C VAL A 216 7.52 22.95 -4.20
N ARG A 217 8.71 23.49 -4.45
CA ARG A 217 8.80 24.79 -5.14
C ARG A 217 8.35 24.70 -6.59
N GLU A 218 8.63 23.59 -7.28
CA GLU A 218 8.13 23.44 -8.65
C GLU A 218 6.62 23.14 -8.70
N TYR A 219 6.14 22.18 -7.89
CA TYR A 219 4.74 21.70 -8.03
C TYR A 219 3.76 22.11 -6.91
N GLY A 220 4.26 22.23 -5.68
CA GLY A 220 3.48 22.86 -4.62
C GLY A 220 2.32 21.99 -4.22
N ASP A 221 1.10 22.50 -4.34
CA ASP A 221 -0.06 21.72 -3.89
C ASP A 221 -0.49 20.66 -4.91
N GLU A 222 0.07 20.66 -6.12
CA GLU A 222 -0.17 19.56 -7.09
C GLU A 222 0.20 18.16 -6.56
N ILE A 223 1.33 18.05 -5.87
CA ILE A 223 1.75 16.81 -5.23
C ILE A 223 1.21 16.77 -3.78
N THR A 224 0.64 15.65 -3.39
CA THR A 224 0.00 15.52 -2.07
C THR A 224 1.04 15.14 -1.01
N ASP A 225 0.69 15.29 0.26
CA ASP A 225 1.58 14.90 1.36
C ASP A 225 1.91 13.39 1.34
N ALA A 226 0.91 12.57 1.03
CA ALA A 226 1.10 11.12 0.93
C ALA A 226 2.08 10.74 -0.17
N GLU A 227 1.90 11.36 -1.34
CA GLU A 227 2.81 11.17 -2.45
C GLU A 227 4.24 11.61 -2.10
N LEU A 228 4.39 12.77 -1.51
CA LEU A 228 5.71 13.31 -1.21
C LEU A 228 6.41 12.52 -0.12
N THR A 229 5.68 12.17 0.93
CA THR A 229 6.22 11.34 1.99
C THR A 229 6.58 9.97 1.42
N GLY A 230 5.68 9.43 0.60
CA GLY A 230 5.90 8.15 -0.07
C GLY A 230 7.16 8.08 -0.90
N VAL A 231 7.34 9.06 -1.79
CA VAL A 231 8.53 9.13 -2.62
C VAL A 231 9.78 9.28 -1.73
N ALA A 232 9.68 10.12 -0.70
CA ALA A 232 10.87 10.38 0.15
C ALA A 232 11.26 9.13 0.92
N ALA A 233 10.27 8.42 1.44
CA ALA A 233 10.50 7.13 2.11
C ALA A 233 11.15 6.14 1.16
N PHE A 234 10.63 6.04 -0.06
CA PHE A 234 11.20 5.19 -1.13
C PHE A 234 12.67 5.55 -1.44
N VAL A 235 12.95 6.83 -1.65
CA VAL A 235 14.32 7.27 -1.95
C VAL A 235 15.30 6.92 -0.82
N MET A 236 14.86 7.13 0.42
CA MET A 236 15.63 6.75 1.61
C MET A 236 15.92 5.26 1.64
N GLY A 237 14.88 4.45 1.43
CA GLY A 237 14.99 2.99 1.41
C GLY A 237 15.85 2.46 0.27
N ALA A 238 15.62 2.97 -0.93
CA ALA A 238 16.43 2.59 -2.11
C ALA A 238 17.88 3.02 -1.91
N GLY A 239 18.06 4.28 -1.55
CA GLY A 239 19.40 4.84 -1.27
C GLY A 239 20.15 4.01 -0.26
N ALA A 240 19.53 3.76 0.89
CA ALA A 240 20.15 2.97 1.96
C ALA A 240 20.45 1.51 1.58
N ASP A 241 19.55 0.86 0.86
CA ASP A 241 19.74 -0.55 0.54
C ASP A 241 20.61 -0.71 -0.72
N GLN A 242 20.14 -0.17 -1.83
CA GLN A 242 20.83 -0.37 -3.13
C GLN A 242 22.26 0.15 -3.10
N VAL A 243 22.46 1.36 -2.61
CA VAL A 243 23.79 1.97 -2.67
C VAL A 243 24.74 1.27 -1.70
N ALA A 244 24.29 0.99 -0.48
CA ALA A 244 25.11 0.27 0.52
C ALA A 244 25.54 -1.11 0.04
N ARG A 245 24.59 -1.90 -0.46
CA ARG A 245 24.91 -3.24 -0.95
C ARG A 245 25.88 -3.20 -2.14
N PHE A 246 25.69 -2.24 -3.04
CA PHE A 246 26.60 -2.09 -4.18
C PHE A 246 28.02 -1.75 -3.74
N LEU A 247 28.14 -0.77 -2.84
CA LEU A 247 29.44 -0.34 -2.35
C LEU A 247 30.19 -1.45 -1.58
N ALA A 248 29.45 -2.26 -0.83
CA ALA A 248 30.01 -3.43 -0.16
C ALA A 248 30.58 -4.43 -1.17
N ALA A 249 29.79 -4.71 -2.21
CA ALA A 249 30.20 -5.60 -3.30
C ALA A 249 31.37 -5.03 -4.11
N GLY A 250 31.43 -3.71 -4.23
CA GLY A 250 32.54 -3.03 -4.90
C GLY A 250 33.85 -3.16 -4.14
N ALA A 251 33.79 -2.97 -2.83
CA ALA A 251 35.00 -3.13 -1.99
C ALA A 251 35.54 -4.55 -2.05
N TRP A 252 34.63 -5.53 -2.10
CA TRP A 252 35.01 -6.93 -2.22
C TRP A 252 35.70 -7.20 -3.55
N LEU A 253 35.12 -6.68 -4.64
CA LEU A 253 35.74 -6.78 -5.97
C LEU A 253 37.13 -6.12 -6.01
N MET A 254 37.26 -4.97 -5.36
CA MET A 254 38.57 -4.29 -5.22
C MET A 254 39.60 -5.16 -4.51
N ALA A 255 39.20 -5.74 -3.39
CA ALA A 255 40.05 -6.64 -2.61
C ALA A 255 40.43 -7.89 -3.40
N ASP A 256 39.47 -8.44 -4.15
CA ASP A 256 39.69 -9.66 -4.94
C ASP A 256 40.56 -9.44 -6.18
N ASP A 257 40.50 -8.25 -6.78
CA ASP A 257 41.18 -7.98 -8.06
C ASP A 257 41.79 -6.57 -8.08
N PRO A 258 42.76 -6.31 -7.17
CA PRO A 258 43.27 -4.95 -6.91
C PRO A 258 44.06 -4.34 -8.06
N GLU A 259 44.65 -5.18 -8.92
CA GLU A 259 45.43 -4.68 -10.06
C GLU A 259 44.56 -3.95 -11.10
N GLN A 260 43.32 -4.39 -11.28
CA GLN A 260 42.39 -3.68 -12.16
C GLN A 260 41.99 -2.31 -11.62
N PHE A 261 41.84 -2.18 -10.30
CA PHE A 261 41.51 -0.88 -9.68
C PHE A 261 42.73 0.03 -9.44
N ALA A 262 43.93 -0.53 -9.50
CA ALA A 262 45.15 0.29 -9.55
C ALA A 262 45.21 1.07 -10.87
N LEU A 263 44.73 0.46 -11.94
CA LEU A 263 44.61 1.11 -13.24
C LEU A 263 43.62 2.27 -13.20
N LEU A 264 42.52 2.11 -12.45
CA LEU A 264 41.57 3.20 -12.22
C LEU A 264 42.23 4.33 -11.43
N ARG A 265 42.88 3.95 -10.33
CA ARG A 265 43.59 4.90 -9.47
C ARG A 265 44.63 5.76 -10.21
N GLU A 266 45.54 5.11 -10.95
CA GLU A 266 46.69 5.80 -11.56
CA GLU A 266 46.70 5.79 -11.56
C GLU A 266 46.41 6.41 -12.94
N LYS A 267 45.59 5.74 -13.76
CA LYS A 267 45.31 6.20 -15.12
C LYS A 267 43.81 6.11 -15.44
N PRO A 268 42.99 6.88 -14.71
CA PRO A 268 41.53 6.83 -14.91
C PRO A 268 41.05 7.24 -16.32
N ASP A 269 41.79 8.13 -16.98
CA ASP A 269 41.45 8.61 -18.34
C ASP A 269 41.44 7.50 -19.39
N THR A 270 42.25 6.45 -19.19
CA THR A 270 42.34 5.30 -20.12
C THR A 270 41.18 4.31 -19.97
N VAL A 271 40.36 4.46 -18.93
CA VAL A 271 39.21 3.59 -18.67
C VAL A 271 37.97 4.43 -18.33
N PRO A 272 37.51 5.28 -19.26
CA PRO A 272 36.40 6.20 -18.95
C PRO A 272 35.05 5.52 -18.68
N ASP A 273 34.85 4.31 -19.19
CA ASP A 273 33.61 3.57 -18.98
C ASP A 273 33.66 2.56 -17.79
N TRP A 274 34.71 2.61 -16.97
CA TRP A 274 34.95 1.63 -15.88
C TRP A 274 33.73 1.29 -15.01
N LEU A 275 32.89 2.30 -14.74
CA LEU A 275 31.77 2.13 -13.82
C LEU A 275 30.68 1.26 -14.43
N ASP A 276 30.49 1.36 -15.74
CA ASP A 276 29.53 0.51 -16.44
C ASP A 276 29.92 -0.96 -16.38
N GLU A 277 31.22 -1.23 -16.39
CA GLU A 277 31.72 -2.61 -16.31
C GLU A 277 31.54 -3.21 -14.91
N VAL A 278 31.82 -2.41 -13.88
CA VAL A 278 31.63 -2.85 -12.51
C VAL A 278 30.14 -3.11 -12.29
N ILE A 279 29.29 -2.16 -12.73
CA ILE A 279 27.83 -2.34 -12.66
C ILE A 279 27.39 -3.62 -13.39
N ARG A 280 27.87 -3.82 -14.62
CA ARG A 280 27.56 -5.03 -15.40
C ARG A 280 27.91 -6.31 -14.64
N TYR A 281 29.13 -6.34 -14.12
CA TYR A 281 29.68 -7.55 -13.51
C TYR A 281 28.94 -7.88 -12.22
N LEU A 282 28.77 -6.90 -11.36
CA LEU A 282 28.14 -7.11 -10.05
C LEU A 282 26.62 -7.33 -10.11
N THR A 283 25.92 -6.54 -10.91
CA THR A 283 24.44 -6.61 -11.03
C THR A 283 23.76 -6.87 -9.68
N THR A 284 23.80 -5.85 -8.82
CA THR A 284 23.30 -5.99 -7.46
C THR A 284 21.77 -5.91 -7.32
N ASP A 285 21.04 -5.68 -8.42
CA ASP A 285 19.60 -5.97 -8.47
C ASP A 285 19.40 -6.92 -9.63
N GLU A 286 19.20 -8.20 -9.31
CA GLU A 286 19.33 -9.27 -10.31
C GLU A 286 18.12 -9.41 -11.23
N LYS A 287 16.97 -8.89 -10.80
CA LYS A 287 15.70 -9.11 -11.51
C LYS A 287 14.72 -7.96 -11.31
N THR A 288 13.84 -7.77 -12.29
CA THR A 288 12.77 -6.79 -12.19
C THR A 288 11.54 -7.46 -11.58
N HIS A 289 10.64 -6.62 -11.09
CA HIS A 289 9.34 -7.03 -10.57
C HIS A 289 8.51 -7.63 -11.73
N PRO A 290 7.73 -8.72 -11.48
CA PRO A 290 6.99 -9.34 -12.57
C PRO A 290 6.02 -8.41 -13.26
N ARG A 291 5.98 -8.50 -14.58
CA ARG A 291 5.07 -7.74 -15.42
C ARG A 291 3.96 -8.69 -15.86
N VAL A 292 2.73 -8.20 -15.88
CA VAL A 292 1.58 -8.97 -16.28
C VAL A 292 1.18 -8.48 -17.66
N ALA A 293 0.99 -9.39 -18.62
CA ALA A 293 0.58 -9.02 -19.97
C ALA A 293 -0.91 -8.66 -20.03
N THR A 294 -1.26 -7.67 -20.87
CA THR A 294 -2.67 -7.21 -21.07
C THR A 294 -3.22 -7.36 -22.50
N ASP A 295 -2.36 -7.71 -23.45
CA ASP A 295 -2.77 -8.17 -24.77
C ASP A 295 -1.91 -9.40 -24.96
N ASP A 296 -2.27 -10.22 -25.94
CA ASP A 296 -1.37 -11.24 -26.43
C ASP A 296 -0.26 -10.52 -27.17
N VAL A 297 0.99 -10.81 -26.80
CA VAL A 297 2.15 -10.12 -27.37
C VAL A 297 3.22 -11.12 -27.79
N ARG A 298 3.63 -11.02 -29.05
CA ARG A 298 4.73 -11.80 -29.62
C ARG A 298 6.02 -11.19 -29.07
N ILE A 299 6.88 -12.01 -28.47
CA ILE A 299 8.18 -11.55 -27.93
C ILE A 299 9.24 -12.56 -28.34
N GLY A 300 9.90 -12.26 -29.47
CA GLY A 300 10.75 -13.20 -30.16
C GLY A 300 9.88 -14.11 -31.01
N ASP A 301 10.13 -15.42 -30.91
CA ASP A 301 9.28 -16.44 -31.51
C ASP A 301 8.10 -16.78 -30.61
N HIS A 302 8.18 -16.36 -29.34
CA HIS A 302 7.28 -16.84 -28.30
C HIS A 302 6.01 -15.99 -28.26
N LEU A 303 4.89 -16.61 -27.87
CA LEU A 303 3.62 -15.90 -27.66
C LEU A 303 3.32 -15.82 -26.18
N ILE A 304 3.18 -14.60 -25.67
CA ILE A 304 2.81 -14.37 -24.27
C ILE A 304 1.33 -13.98 -24.24
N LYS A 305 0.50 -14.82 -23.63
CA LYS A 305 -0.95 -14.62 -23.63
C LYS A 305 -1.30 -13.58 -22.58
N ALA A 306 -2.30 -12.75 -22.89
CA ALA A 306 -2.86 -11.82 -21.89
C ALA A 306 -3.15 -12.58 -20.61
N GLY A 307 -2.63 -12.09 -19.48
CA GLY A 307 -2.71 -12.77 -18.17
C GLY A 307 -1.42 -13.44 -17.71
N ASP A 308 -0.54 -13.81 -18.64
CA ASP A 308 0.79 -14.33 -18.31
C ASP A 308 1.62 -13.28 -17.59
N THR A 309 2.59 -13.71 -16.79
CA THR A 309 3.60 -12.81 -16.25
C THR A 309 4.98 -13.11 -16.84
N VAL A 310 5.81 -12.08 -16.92
CA VAL A 310 7.19 -12.19 -17.38
C VAL A 310 8.05 -11.51 -16.30
N THR A 311 8.97 -12.27 -15.71
CA THR A 311 10.05 -11.71 -14.89
C THR A 311 11.32 -11.57 -15.73
N CYS A 312 11.97 -10.41 -15.67
CA CYS A 312 13.20 -10.14 -16.42
C CYS A 312 14.46 -10.34 -15.59
N SER A 313 15.36 -11.20 -16.07
CA SER A 313 16.62 -11.48 -15.40
C SER A 313 17.71 -10.50 -15.86
N LEU A 314 17.95 -9.47 -15.05
CA LEU A 314 18.97 -8.48 -15.33
C LEU A 314 20.38 -9.10 -15.20
N LEU A 315 20.54 -10.02 -14.25
CA LEU A 315 21.77 -10.81 -14.12
C LEU A 315 22.08 -11.61 -15.39
N ALA A 316 21.08 -12.34 -15.89
CA ALA A 316 21.23 -13.11 -17.13
C ALA A 316 21.63 -12.22 -18.31
N ALA A 317 20.97 -11.08 -18.44
CA ALA A 317 21.27 -10.13 -19.51
C ALA A 317 22.71 -9.63 -19.41
N ASN A 318 23.11 -9.15 -18.23
CA ASN A 318 24.43 -8.52 -18.06
C ASN A 318 25.58 -9.51 -18.07
N ARG A 319 25.30 -10.74 -17.64
CA ARG A 319 26.32 -11.79 -17.56
C ARG A 319 26.04 -12.90 -18.59
N ARG A 320 25.60 -12.51 -19.78
CA ARG A 320 25.06 -13.45 -20.77
C ARG A 320 26.08 -14.46 -21.32
N ASN A 321 27.36 -14.09 -21.31
CA ASN A 321 28.43 -14.94 -21.84
C ASN A 321 29.16 -15.76 -20.77
N PHE A 322 28.67 -15.74 -19.53
CA PHE A 322 29.21 -16.64 -18.50
C PHE A 322 29.01 -18.11 -18.95
N PRO A 323 29.99 -19.00 -18.78
CA PRO A 323 31.27 -18.78 -18.10
C PRO A 323 32.48 -18.55 -19.03
N ARG A 324 32.24 -18.06 -20.25
CA ARG A 324 33.33 -17.78 -21.20
C ARG A 324 34.26 -16.66 -20.72
N PRO A 325 35.49 -16.58 -21.27
CA PRO A 325 36.45 -15.56 -20.85
C PRO A 325 35.96 -14.11 -20.95
N GLU A 326 35.29 -13.77 -22.04
CA GLU A 326 34.85 -12.39 -22.25
C GLU A 326 33.88 -11.86 -21.18
N ASP A 327 33.17 -12.73 -20.46
CA ASP A 327 32.33 -12.29 -19.35
C ASP A 327 33.08 -11.89 -18.07
N ARG A 328 34.34 -12.31 -17.94
CA ARG A 328 35.13 -11.98 -16.74
C ARG A 328 35.33 -10.48 -16.57
N PHE A 329 35.53 -10.06 -15.34
CA PHE A 329 35.58 -8.63 -15.01
C PHE A 329 36.79 -7.99 -15.68
N ASP A 330 36.53 -7.06 -16.60
CA ASP A 330 37.57 -6.38 -17.38
C ASP A 330 37.31 -4.87 -17.38
N ILE A 331 38.01 -4.15 -16.51
CA ILE A 331 37.77 -2.72 -16.29
C ILE A 331 38.08 -1.83 -17.52
N THR A 332 38.94 -2.32 -18.41
CA THR A 332 39.30 -1.65 -19.67
C THR A 332 38.34 -1.89 -20.84
N ARG A 333 37.37 -2.79 -20.67
CA ARG A 333 36.36 -3.09 -21.70
C ARG A 333 35.74 -1.83 -22.33
N VAL A 334 35.70 -1.82 -23.65
CA VAL A 334 35.13 -0.71 -24.41
C VAL A 334 33.59 -0.79 -24.34
N ARG A 335 32.98 0.34 -23.98
CA ARG A 335 31.52 0.48 -23.80
C ARG A 335 30.76 -0.78 -23.28
N PRO A 336 30.92 -1.13 -21.99
CA PRO A 336 30.15 -2.24 -21.39
C PRO A 336 28.64 -2.06 -21.55
N GLU A 337 27.93 -3.12 -21.94
CA GLU A 337 26.47 -3.09 -22.10
C GLU A 337 25.80 -3.78 -20.91
N HIS A 338 24.90 -3.07 -20.24
CA HIS A 338 24.07 -3.65 -19.18
C HIS A 338 22.68 -3.03 -19.07
N LEU A 339 21.79 -3.75 -18.38
CA LEU A 339 20.44 -3.32 -18.06
C LEU A 339 20.21 -3.27 -16.52
N ALA A 340 21.28 -3.01 -15.78
CA ALA A 340 21.28 -3.00 -14.32
C ALA A 340 20.26 -2.07 -13.66
N PHE A 341 19.87 -1.01 -14.37
CA PHE A 341 18.85 -0.08 -13.90
C PHE A 341 17.52 -0.24 -14.66
N GLY A 342 17.29 -1.38 -15.28
CA GLY A 342 16.03 -1.62 -15.96
C GLY A 342 15.95 -0.89 -17.28
N HIS A 343 14.72 -0.67 -17.77
CA HIS A 343 14.51 -0.17 -19.13
C HIS A 343 13.04 0.21 -19.31
N GLY A 344 12.75 1.15 -20.20
CA GLY A 344 11.37 1.63 -20.40
C GLY A 344 10.93 2.59 -19.31
N ILE A 345 9.62 2.76 -19.14
CA ILE A 345 9.08 3.83 -18.28
C ILE A 345 9.48 3.74 -16.80
N HIS A 346 9.75 2.53 -16.31
CA HIS A 346 10.13 2.33 -14.91
C HIS A 346 11.63 2.25 -14.67
N HIS A 347 12.46 2.58 -15.67
CA HIS A 347 13.91 2.57 -15.48
C HIS A 347 14.31 3.49 -14.32
N CYS A 348 15.36 3.09 -13.61
CA CYS A 348 15.67 3.64 -12.28
C CYS A 348 15.74 5.16 -12.28
N LEU A 349 14.79 5.78 -11.59
CA LEU A 349 14.80 7.23 -11.36
C LEU A 349 16.04 7.69 -10.60
N GLY A 350 16.57 6.85 -9.71
CA GLY A 350 17.75 7.20 -8.92
C GLY A 350 19.12 6.94 -9.52
N ARG A 351 19.17 6.48 -10.77
CA ARG A 351 20.42 6.08 -11.42
C ARG A 351 21.50 7.15 -11.32
N SER A 352 21.14 8.40 -11.59
CA SER A 352 22.11 9.48 -11.58
C SER A 352 22.69 9.72 -10.17
N LEU A 353 21.88 9.53 -9.11
CA LEU A 353 22.36 9.66 -7.73
C LEU A 353 23.25 8.48 -7.35
N ALA A 354 22.81 7.27 -7.69
CA ALA A 354 23.58 6.08 -7.39
C ALA A 354 24.94 6.17 -8.08
N GLU A 355 24.93 6.44 -9.39
CA GLU A 355 26.16 6.58 -10.17
C GLU A 355 27.11 7.65 -9.62
N LEU A 356 26.56 8.80 -9.20
CA LEU A 356 27.37 9.86 -8.56
C LEU A 356 28.11 9.35 -7.33
N VAL A 357 27.40 8.62 -6.46
CA VAL A 357 28.00 8.04 -5.26
C VAL A 357 29.06 6.99 -5.64
N PHE A 358 28.79 6.15 -6.64
CA PHE A 358 29.74 5.11 -7.03
C PHE A 358 30.98 5.72 -7.70
N ARG A 359 30.76 6.68 -8.60
CA ARG A 359 31.86 7.41 -9.28
CA ARG A 359 31.87 7.39 -9.27
C ARG A 359 32.82 8.06 -8.28
N THR A 360 32.29 8.49 -7.14
CA THR A 360 33.05 9.23 -6.15
C THR A 360 33.68 8.29 -5.14
N ALA A 361 32.87 7.41 -4.57
CA ALA A 361 33.33 6.53 -3.50
C ALA A 361 34.33 5.44 -3.91
N ILE A 362 34.15 4.83 -5.08
CA ILE A 362 34.99 3.71 -5.51
C ILE A 362 36.46 4.15 -5.76
N PRO A 363 36.68 5.24 -6.53
CA PRO A 363 38.04 5.77 -6.66
C PRO A 363 38.62 6.39 -5.37
N ALA A 364 37.76 6.99 -4.55
CA ALA A 364 38.19 7.54 -3.27
C ALA A 364 38.76 6.44 -2.35
N LEU A 365 38.17 5.24 -2.40
CA LEU A 365 38.69 4.08 -1.69
C LEU A 365 40.02 3.59 -2.26
N ALA A 366 40.15 3.56 -3.59
CA ALA A 366 41.38 3.09 -4.25
C ALA A 366 42.58 3.96 -3.94
N HIS A 367 42.39 5.28 -3.96
CA HIS A 367 43.45 6.24 -3.63
C HIS A 367 43.84 6.14 -2.15
N ARG A 368 42.84 5.95 -1.31
CA ARG A 368 43.04 5.94 0.14
C ARG A 368 43.74 4.68 0.63
N PHE A 369 43.35 3.52 0.10
CA PHE A 369 43.97 2.24 0.47
C PHE A 369 44.38 1.46 -0.77
N PRO A 370 45.49 1.87 -1.43
CA PRO A 370 46.02 1.07 -2.56
C PRO A 370 46.35 -0.36 -2.16
N THR A 371 46.85 -0.53 -0.94
CA THR A 371 47.23 -1.84 -0.38
C THR A 371 46.05 -2.60 0.26
N LEU A 372 44.82 -2.36 -0.19
CA LEU A 372 43.62 -2.96 0.41
C LEU A 372 43.56 -4.46 0.10
N ARG A 373 43.16 -5.25 1.10
CA ARG A 373 43.06 -6.71 0.95
C ARG A 373 42.14 -7.31 2.00
N LEU A 374 41.73 -8.55 1.78
CA LEU A 374 40.93 -9.30 2.74
C LEU A 374 41.77 -9.66 3.97
N ALA A 375 41.34 -9.20 5.14
CA ALA A 375 41.77 -9.75 6.41
C ALA A 375 41.04 -11.08 6.52
N GLU A 376 41.79 -12.17 6.68
CA GLU A 376 41.28 -13.55 6.59
C GLU A 376 40.88 -13.90 5.14
N PRO A 377 41.86 -13.96 4.23
CA PRO A 377 41.60 -14.35 2.84
C PRO A 377 41.41 -15.87 2.61
N HIS A 378 41.57 -16.69 3.66
CA HIS A 378 41.30 -18.13 3.58
C HIS A 378 39.79 -18.42 3.49
N ARG A 379 38.98 -17.75 4.31
CA ARG A 379 37.56 -18.09 4.48
C ARG A 379 36.59 -17.31 3.57
N GLU A 380 35.50 -17.98 3.19
CA GLU A 380 34.51 -17.47 2.25
C GLU A 380 33.80 -16.26 2.81
N ILE A 381 33.51 -15.29 1.95
CA ILE A 381 32.67 -14.15 2.29
C ILE A 381 31.23 -14.67 2.31
N ARG A 382 30.54 -14.47 3.44
CA ARG A 382 29.16 -14.93 3.59
C ARG A 382 28.18 -13.95 2.94
N LEU A 383 27.27 -14.47 2.14
CA LEU A 383 26.24 -13.66 1.46
C LEU A 383 24.86 -13.95 2.03
N GLY A 384 24.04 -12.92 2.15
CA GLY A 384 22.65 -13.07 2.61
C GLY A 384 21.75 -13.54 1.49
N PRO A 385 20.42 -13.55 1.72
CA PRO A 385 19.48 -13.81 0.62
C PRO A 385 19.55 -12.72 -0.48
N PRO A 386 19.31 -13.08 -1.76
CA PRO A 386 19.30 -12.03 -2.79
C PRO A 386 18.22 -10.95 -2.53
N PRO A 387 18.43 -9.71 -2.98
CA PRO A 387 19.53 -9.31 -3.87
C PRO A 387 20.94 -9.23 -3.23
N PHE A 388 21.97 -9.28 -4.08
CA PHE A 388 23.40 -9.40 -3.67
C PHE A 388 23.81 -8.64 -2.40
N ASP A 389 24.01 -9.40 -1.32
CA ASP A 389 24.08 -8.86 0.04
C ASP A 389 25.26 -9.45 0.79
N VAL A 390 26.39 -8.74 0.75
CA VAL A 390 27.59 -9.11 1.50
C VAL A 390 27.35 -8.76 2.98
N GLU A 391 27.26 -9.77 3.83
CA GLU A 391 26.90 -9.56 5.25
C GLU A 391 28.05 -9.03 6.12
N ALA A 392 29.29 -9.34 5.76
CA ALA A 392 30.48 -8.79 6.41
C ALA A 392 31.69 -8.84 5.47
N LEU A 393 32.58 -7.85 5.59
CA LEU A 393 33.75 -7.77 4.71
C LEU A 393 34.93 -7.16 5.49
N LEU A 394 35.73 -8.03 6.10
CA LEU A 394 36.84 -7.62 6.95
C LEU A 394 38.08 -7.36 6.10
N LEU A 395 38.45 -6.08 5.99
CA LEU A 395 39.59 -5.65 5.18
C LEU A 395 40.69 -5.00 6.02
N ASP A 396 41.95 -5.23 5.62
CA ASP A 396 43.12 -4.55 6.19
C ASP A 396 43.82 -3.84 5.03
N TRP A 397 44.85 -3.04 5.34
CA TRP A 397 45.65 -2.35 4.31
C TRP A 397 47.12 -2.22 4.70
N GLY B 1 15.87 1.01 -7.04
CA GLY B 1 14.48 0.70 -6.52
C GLY B 1 14.24 -0.16 -5.23
N ILE B 2 12.98 -0.53 -5.02
CA ILE B 2 12.55 -1.38 -3.86
C ILE B 2 11.60 -2.48 -4.35
N ASP B 3 11.87 -3.72 -3.92
CA ASP B 3 10.96 -4.85 -4.21
C ASP B 3 9.66 -4.69 -3.43
N PRO B 4 8.51 -4.57 -4.13
CA PRO B 4 7.24 -4.40 -3.44
C PRO B 4 6.84 -5.55 -2.49
N PHE B 5 7.37 -6.75 -2.74
CA PHE B 5 7.13 -7.89 -1.84
C PHE B 5 7.79 -7.72 -0.47
N THR B 6 8.79 -6.84 -0.34
CA THR B 6 9.37 -6.52 0.98
C THR B 6 8.63 -5.44 1.78
N MET B 7 7.56 -4.86 1.20
CA MET B 7 6.77 -3.84 1.86
C MET B 7 5.65 -4.52 2.65
N PHE B 8 5.97 -4.83 3.91
CA PHE B 8 5.18 -5.74 4.74
C PHE B 8 3.69 -5.40 4.90
N GLU B 9 3.40 -4.20 5.36
CA GLU B 9 2.03 -3.76 5.55
C GLU B 9 1.31 -3.68 4.21
N GLU B 10 1.96 -3.09 3.21
CA GLU B 10 1.31 -2.84 1.93
C GLU B 10 0.99 -4.14 1.17
N ILE B 11 1.96 -5.05 1.05
CA ILE B 11 1.76 -6.28 0.28
C ILE B 11 0.65 -7.14 0.91
N ASN B 12 0.57 -7.15 2.24
CA ASN B 12 -0.45 -7.93 2.92
C ASN B 12 -1.84 -7.30 2.95
N VAL B 13 -1.90 -5.98 2.88
CA VAL B 13 -3.16 -5.28 2.57
C VAL B 13 -3.70 -5.71 1.19
N VAL B 14 -2.82 -5.76 0.20
CA VAL B 14 -3.18 -6.19 -1.16
C VAL B 14 -3.71 -7.62 -1.17
N ARG B 15 -2.97 -8.54 -0.54
CA ARG B 15 -3.35 -9.94 -0.51
C ARG B 15 -4.70 -10.08 0.20
N ALA B 16 -4.91 -9.37 1.31
CA ALA B 16 -6.19 -9.44 2.00
C ALA B 16 -7.34 -8.91 1.13
N ALA B 17 -7.10 -7.83 0.40
CA ALA B 17 -8.13 -7.26 -0.49
C ALA B 17 -8.56 -8.26 -1.61
N GLU B 18 -7.59 -8.88 -2.28
CA GLU B 18 -7.85 -9.93 -3.27
C GLU B 18 -8.76 -11.04 -2.74
N LEU B 19 -8.55 -11.44 -1.49
CA LEU B 19 -9.36 -12.47 -0.84
C LEU B 19 -10.80 -12.06 -0.56
N HIS B 20 -11.09 -10.77 -0.57
CA HIS B 20 -12.41 -10.25 -0.25
C HIS B 20 -13.15 -9.62 -1.40
N ARG B 21 -12.76 -9.97 -2.62
CA ARG B 21 -13.61 -9.83 -3.80
C ARG B 21 -14.81 -10.76 -3.63
N ARG B 22 -15.80 -10.66 -4.50
CA ARG B 22 -17.05 -11.41 -4.35
C ARG B 22 -17.45 -12.04 -5.67
N ASP B 23 -18.05 -13.22 -5.59
CA ASP B 23 -18.68 -13.85 -6.75
C ASP B 23 -20.18 -13.62 -6.55
N ARG B 24 -20.67 -12.56 -7.18
CA ARG B 24 -22.01 -12.05 -6.90
C ARG B 24 -22.11 -11.74 -5.38
N PHE B 25 -22.89 -12.48 -4.60
CA PHE B 25 -22.98 -12.28 -3.15
C PHE B 25 -22.05 -13.17 -2.33
N ASP B 26 -21.39 -14.13 -2.98
CA ASP B 26 -20.63 -15.13 -2.28
C ASP B 26 -19.15 -14.77 -2.09
N PRO B 27 -18.52 -15.31 -1.03
CA PRO B 27 -17.06 -15.32 -0.91
C PRO B 27 -16.42 -16.04 -2.10
N VAL B 28 -15.25 -15.60 -2.56
CA VAL B 28 -14.54 -16.28 -3.67
C VAL B 28 -13.88 -17.60 -3.21
N PRO B 29 -13.58 -18.53 -4.17
CA PRO B 29 -13.00 -19.83 -3.80
C PRO B 29 -11.77 -19.77 -2.90
N GLN B 30 -10.96 -18.72 -3.06
CA GLN B 30 -9.67 -18.59 -2.38
C GLN B 30 -9.90 -18.31 -0.89
N LEU B 31 -10.90 -17.51 -0.57
CA LEU B 31 -11.28 -17.29 0.84
C LEU B 31 -11.96 -18.55 1.43
N ARG B 32 -12.84 -19.17 0.66
CA ARG B 32 -13.51 -20.42 1.05
CA ARG B 32 -13.50 -20.42 1.08
C ARG B 32 -12.46 -21.46 1.50
N SER B 33 -11.38 -21.58 0.72
CA SER B 33 -10.34 -22.52 1.02
C SER B 33 -9.63 -22.22 2.34
N LEU B 34 -9.32 -20.94 2.58
CA LEU B 34 -8.69 -20.54 3.83
C LEU B 34 -9.62 -20.75 5.02
N MET B 35 -10.90 -20.42 4.84
CA MET B 35 -11.93 -20.67 5.86
C MET B 35 -11.96 -22.14 6.31
N ALA B 36 -11.79 -23.06 5.37
CA ALA B 36 -11.85 -24.52 5.63
C ALA B 36 -10.58 -25.04 6.30
N GLU B 37 -9.51 -24.27 6.20
CA GLU B 37 -8.23 -24.69 6.74
C GLU B 37 -8.23 -24.68 8.26
N GLY B 38 -8.74 -23.60 8.84
CA GLY B 38 -8.80 -23.40 10.30
C GLY B 38 -9.22 -21.96 10.58
N PRO B 39 -9.27 -21.55 11.85
CA PRO B 39 -9.75 -20.22 12.20
C PRO B 39 -8.75 -19.07 11.95
N LEU B 40 -7.48 -19.41 11.71
CA LEU B 40 -6.42 -18.43 11.52
C LEU B 40 -5.40 -18.97 10.52
N THR B 41 -5.11 -18.23 9.45
CA THR B 41 -4.09 -18.63 8.45
C THR B 41 -3.11 -17.46 8.17
N THR B 42 -1.99 -17.77 7.55
CA THR B 42 -0.99 -16.73 7.22
C THR B 42 -1.26 -16.15 5.84
N LEU B 43 -1.14 -14.83 5.74
CA LEU B 43 -1.07 -14.16 4.47
C LEU B 43 0.35 -14.13 4.00
N GLY B 44 1.29 -13.94 4.92
CA GLY B 44 2.69 -13.91 4.55
C GLY B 44 3.60 -13.59 5.72
N THR B 45 4.88 -13.83 5.51
CA THR B 45 5.89 -13.68 6.56
C THR B 45 7.13 -13.05 5.96
N GLU B 46 7.76 -12.14 6.71
CA GLU B 46 9.07 -11.61 6.32
C GLU B 46 10.10 -12.72 6.56
N GLU B 47 10.91 -12.99 5.55
CA GLU B 47 11.87 -14.11 5.54
C GLU B 47 13.24 -13.77 6.13
N SER B 48 13.32 -13.56 7.43
CA SER B 48 14.59 -13.27 8.14
C SER B 48 14.31 -13.48 9.64
N PRO B 49 15.36 -13.62 10.46
CA PRO B 49 15.17 -13.65 11.92
C PRO B 49 14.42 -12.40 12.40
N GLY B 50 13.36 -12.59 13.17
CA GLY B 50 12.53 -11.49 13.64
C GLY B 50 11.43 -11.07 12.66
N GLY B 51 11.40 -11.67 11.47
CA GLY B 51 10.40 -11.35 10.48
C GLY B 51 8.99 -11.52 10.99
N ARG B 52 8.14 -10.56 10.64
CA ARG B 52 6.77 -10.57 11.10
C ARG B 52 5.89 -11.36 10.17
N THR B 53 4.76 -11.80 10.71
CA THR B 53 3.75 -12.52 9.96
C THR B 53 2.47 -11.72 9.93
N ALA B 54 1.84 -11.70 8.76
CA ALA B 54 0.53 -11.14 8.60
C ALA B 54 -0.47 -12.30 8.53
N TRP B 55 -1.42 -12.28 9.45
CA TRP B 55 -2.40 -13.32 9.62
C TRP B 55 -3.79 -12.84 9.21
N LEU B 56 -4.62 -13.80 8.80
CA LEU B 56 -6.02 -13.57 8.52
C LEU B 56 -6.83 -14.42 9.47
N ALA B 57 -7.70 -13.80 10.27
CA ALA B 57 -8.61 -14.51 11.18
C ALA B 57 -9.96 -14.64 10.48
N THR B 58 -10.44 -15.88 10.35
CA THR B 58 -11.72 -16.19 9.72
C THR B 58 -12.74 -16.82 10.66
N GLY B 59 -12.28 -17.43 11.77
CA GLY B 59 -13.17 -18.05 12.75
C GLY B 59 -13.91 -17.02 13.56
N TYR B 60 -15.21 -17.26 13.75
CA TYR B 60 -16.12 -16.33 14.46
C TYR B 60 -15.63 -15.95 15.86
N ASP B 61 -15.34 -16.97 16.65
CA ASP B 61 -14.92 -16.73 18.03
C ASP B 61 -13.51 -16.17 18.11
N GLU B 62 -12.64 -16.59 17.19
CA GLU B 62 -11.28 -16.10 17.15
C GLU B 62 -11.25 -14.61 16.75
N ILE B 63 -12.14 -14.22 15.84
CA ILE B 63 -12.26 -12.81 15.47
C ILE B 63 -12.75 -11.99 16.68
N ARG B 64 -13.73 -12.50 17.43
CA ARG B 64 -14.17 -11.81 18.65
C ARG B 64 -13.04 -11.71 19.69
N GLN B 65 -12.23 -12.75 19.79
CA GLN B 65 -11.06 -12.70 20.65
C GLN B 65 -10.07 -11.63 20.23
N VAL B 66 -9.73 -11.60 18.94
CA VAL B 66 -8.75 -10.64 18.43
C VAL B 66 -9.24 -9.21 18.68
N LEU B 67 -10.49 -8.95 18.34
CA LEU B 67 -11.03 -7.59 18.34
C LEU B 67 -11.40 -7.08 19.72
N SER B 68 -11.63 -7.97 20.70
CA SER B 68 -11.90 -7.54 22.07
C SER B 68 -10.64 -7.52 22.94
N SER B 69 -9.50 -7.96 22.39
CA SER B 69 -8.26 -8.07 23.16
C SER B 69 -7.57 -6.71 23.33
N ASP B 70 -6.99 -6.47 24.50
CA ASP B 70 -6.20 -5.25 24.70
C ASP B 70 -4.76 -5.36 24.16
N ASP B 71 -4.38 -6.54 23.64
CA ASP B 71 -3.04 -6.76 23.12
C ASP B 71 -2.90 -6.52 21.62
N PHE B 72 -3.79 -5.75 21.03
CA PHE B 72 -3.69 -5.40 19.62
C PHE B 72 -3.89 -3.89 19.47
N SER B 73 -3.17 -3.30 18.52
CA SER B 73 -3.19 -1.86 18.28
C SER B 73 -3.57 -1.59 16.84
N ALA B 74 -4.46 -0.63 16.64
CA ALA B 74 -4.81 -0.13 15.32
C ALA B 74 -3.80 0.94 14.81
N ARG B 75 -3.35 1.75 15.75
CA ARG B 75 -2.44 2.87 15.51
C ARG B 75 -1.07 2.49 14.99
N LEU B 76 -0.50 1.42 15.53
CA LEU B 76 0.87 1.03 15.20
C LEU B 76 1.06 0.48 13.77
N LEU B 77 -0.01 0.06 13.10
CA LEU B 77 0.13 -0.44 11.73
C LEU B 77 0.33 0.73 10.79
N TYR B 78 -0.66 1.60 10.75
CA TYR B 78 -0.67 2.70 9.80
C TYR B 78 0.46 3.71 10.05
N GLY B 79 0.98 3.76 11.28
CA GLY B 79 2.16 4.57 11.60
C GLY B 79 3.47 4.08 10.98
N GLY B 80 3.55 2.80 10.59
CA GLY B 80 4.70 2.25 9.87
C GLY B 80 4.55 2.19 8.34
N THR B 81 3.50 2.84 7.81
CA THR B 81 3.16 2.81 6.39
C THR B 81 2.98 4.24 5.85
N ALA B 82 3.44 4.47 4.61
CA ALA B 82 3.16 5.73 3.91
C ALA B 82 1.65 5.87 3.58
N ALA B 83 0.97 4.75 3.32
CA ALA B 83 -0.49 4.71 3.16
C ALA B 83 -1.29 5.31 4.33
N GLY B 84 -0.74 5.27 5.55
CA GLY B 84 -1.43 5.76 6.75
C GLY B 84 -1.33 7.25 7.07
N ILE B 85 -1.26 8.09 6.03
CA ILE B 85 -0.94 9.53 6.14
C ILE B 85 -2.11 10.40 5.68
N PHE B 90 -11.05 8.82 11.24
CA PHE B 90 -10.67 9.39 12.53
C PHE B 90 -10.35 8.26 13.55
N LEU B 91 -11.38 7.84 14.31
CA LEU B 91 -11.19 6.99 15.51
C LEU B 91 -10.38 5.69 15.37
N THR B 92 -10.39 5.09 14.18
CA THR B 92 -9.72 3.79 13.98
C THR B 92 -8.20 3.84 14.11
N GLN B 93 -7.60 5.01 13.91
CA GLN B 93 -6.16 5.20 14.08
C GLN B 93 -5.73 5.46 15.55
N TYR B 94 -6.66 5.48 16.49
CA TYR B 94 -6.34 5.75 17.91
C TYR B 94 -6.43 4.50 18.81
N ASP B 95 -5.52 4.43 19.78
CA ASP B 95 -5.61 3.48 20.88
C ASP B 95 -6.04 4.23 22.12
N PRO B 96 -6.54 3.50 23.15
CA PRO B 96 -6.78 4.17 24.45
C PRO B 96 -5.47 4.78 24.98
N PRO B 97 -5.50 5.89 25.70
CA PRO B 97 -6.68 6.60 26.12
C PRO B 97 -7.24 7.60 25.10
N GLU B 98 -6.51 7.92 24.03
CA GLU B 98 -6.98 8.94 23.05
C GLU B 98 -8.29 8.48 22.38
N HIS B 99 -8.33 7.22 21.99
CA HIS B 99 -9.53 6.63 21.44
C HIS B 99 -10.75 6.77 22.37
N THR B 100 -10.61 6.36 23.62
CA THR B 100 -11.66 6.50 24.65
C THR B 100 -12.12 7.93 24.86
N ARG B 101 -11.16 8.83 25.02
CA ARG B 101 -11.44 10.22 25.26
C ARG B 101 -12.25 10.85 24.13
N LEU B 102 -11.88 10.60 22.88
CA LEU B 102 -12.64 11.17 21.74
C LEU B 102 -13.97 10.44 21.53
N ARG B 103 -13.96 9.12 21.57
CA ARG B 103 -15.19 8.38 21.39
C ARG B 103 -16.33 8.69 22.39
N ARG B 104 -16.01 8.88 23.68
CA ARG B 104 -17.05 9.27 24.65
C ARG B 104 -17.75 10.58 24.30
N MET B 105 -17.04 11.53 23.70
CA MET B 105 -17.60 12.86 23.43
C MET B 105 -18.56 12.85 22.24
N VAL B 106 -18.32 11.98 21.29
CA VAL B 106 -19.16 11.88 20.09
C VAL B 106 -20.26 10.83 20.21
N ALA B 107 -20.11 9.85 21.11
CA ALA B 107 -21.11 8.79 21.27
C ALA B 107 -22.56 9.27 21.54
N PRO B 108 -22.76 10.34 22.33
CA PRO B 108 -24.11 10.86 22.57
C PRO B 108 -24.94 11.19 21.30
N ALA B 109 -24.27 11.64 20.23
CA ALA B 109 -24.96 11.95 18.98
C ALA B 109 -25.55 10.69 18.31
N PHE B 110 -25.02 9.51 18.64
CA PHE B 110 -25.47 8.25 18.00
C PHE B 110 -26.31 7.38 18.94
N ALA B 111 -26.77 7.97 20.04
CA ALA B 111 -27.62 7.27 21.01
C ALA B 111 -29.01 6.89 20.45
N VAL B 112 -29.68 5.98 21.17
CA VAL B 112 -30.94 5.36 20.75
C VAL B 112 -32.03 6.40 20.64
N ARG B 113 -32.24 7.16 21.71
CA ARG B 113 -33.25 8.22 21.72
C ARG B 113 -33.09 9.20 20.55
N ARG B 114 -31.85 9.45 20.16
CA ARG B 114 -31.57 10.33 19.03
C ARG B 114 -32.04 9.75 17.69
N MET B 115 -31.87 8.44 17.51
CA MET B 115 -32.34 7.76 16.29
C MET B 115 -33.86 7.68 16.17
N GLN B 116 -34.56 7.50 17.30
CA GLN B 116 -36.03 7.58 17.33
C GLN B 116 -36.56 8.92 16.81
N LYS B 117 -35.91 10.01 17.24
CA LYS B 117 -36.28 11.35 16.79
C LYS B 117 -36.03 11.62 15.31
N PHE B 118 -34.98 11.01 14.76
CA PHE B 118 -34.60 11.20 13.37
C PHE B 118 -35.47 10.38 12.40
N GLN B 119 -36.16 9.35 12.89
CA GLN B 119 -36.88 8.38 12.05
C GLN B 119 -37.91 8.98 11.04
N PRO B 120 -38.80 9.90 11.49
CA PRO B 120 -39.71 10.57 10.54
C PRO B 120 -39.01 11.29 9.37
N GLN B 121 -37.89 11.96 9.65
N GLN B 121 -37.90 11.96 9.65
CA GLN B 121 -37.09 12.60 8.59
CA GLN B 121 -37.06 12.59 8.63
C GLN B 121 -36.50 11.59 7.61
C GLN B 121 -36.51 11.58 7.62
N VAL B 122 -36.01 10.46 8.13
CA VAL B 122 -35.44 9.42 7.27
C VAL B 122 -36.53 8.81 6.37
N GLU B 123 -37.75 8.63 6.89
CA GLU B 123 -38.89 8.18 6.08
C GLU B 123 -39.16 9.12 4.91
N ARG B 124 -39.17 10.43 5.18
CA ARG B 124 -39.33 11.43 4.13
C ARG B 124 -38.22 11.39 3.08
N VAL B 125 -36.97 11.21 3.51
CA VAL B 125 -35.87 11.15 2.56
C VAL B 125 -36.05 9.95 1.62
N VAL B 126 -36.42 8.81 2.18
CA VAL B 126 -36.67 7.63 1.37
C VAL B 126 -37.82 7.86 0.36
N GLN B 127 -38.94 8.41 0.83
CA GLN B 127 -40.09 8.67 -0.07
C GLN B 127 -39.73 9.65 -1.19
N ASP B 128 -38.95 10.69 -0.87
CA ASP B 128 -38.49 11.66 -1.89
C ASP B 128 -37.58 11.00 -2.92
N SER B 129 -36.62 10.19 -2.48
CA SER B 129 -35.74 9.48 -3.39
C SER B 129 -36.54 8.54 -4.32
N LEU B 130 -37.54 7.85 -3.77
CA LEU B 130 -38.39 6.94 -4.56
C LEU B 130 -39.31 7.69 -5.54
N ASP B 131 -39.82 8.85 -5.13
CA ASP B 131 -40.58 9.72 -6.04
C ASP B 131 -39.71 10.15 -7.23
N ALA B 132 -38.47 10.56 -6.96
CA ALA B 132 -37.54 10.97 -8.04
C ALA B 132 -37.20 9.81 -9.00
N ILE B 133 -37.02 8.61 -8.47
CA ILE B 133 -36.77 7.41 -9.30
C ILE B 133 -37.99 7.15 -10.18
N GLU B 134 -39.17 7.18 -9.57
CA GLU B 134 -40.43 6.96 -10.32
C GLU B 134 -40.61 8.00 -11.44
N ALA B 135 -40.32 9.27 -11.14
CA ALA B 135 -40.41 10.31 -12.16
C ALA B 135 -39.40 10.18 -13.30
N LEU B 136 -38.24 9.59 -13.05
CA LEU B 136 -37.27 9.33 -14.14
C LEU B 136 -37.77 8.27 -15.11
N GLY B 137 -38.40 7.23 -14.58
CA GLY B 137 -38.92 6.13 -15.38
C GLY B 137 -37.84 5.10 -15.61
N GLY B 138 -38.25 3.83 -15.72
CA GLY B 138 -37.30 2.74 -15.89
C GLY B 138 -36.70 2.75 -17.29
N PRO B 139 -35.51 2.20 -17.47
CA PRO B 139 -34.67 1.64 -16.40
C PRO B 139 -33.84 2.71 -15.68
N VAL B 140 -33.67 2.56 -14.36
CA VAL B 140 -32.94 3.54 -13.53
C VAL B 140 -31.73 2.87 -12.84
N ASP B 141 -30.62 3.58 -12.76
CA ASP B 141 -29.45 3.14 -11.98
C ASP B 141 -29.64 3.41 -10.48
N PHE B 142 -29.88 2.35 -9.71
CA PHE B 142 -30.11 2.46 -8.28
C PHE B 142 -28.85 2.79 -7.43
N VAL B 143 -27.65 2.77 -8.02
CA VAL B 143 -26.43 3.17 -7.30
C VAL B 143 -26.45 4.68 -6.99
N PRO B 144 -26.54 5.56 -8.00
CA PRO B 144 -26.73 6.99 -7.70
C PRO B 144 -28.13 7.35 -7.18
N ARG B 145 -29.18 6.78 -7.75
CA ARG B 145 -30.54 7.25 -7.48
C ARG B 145 -31.20 6.71 -6.22
N PHE B 146 -30.76 5.57 -5.72
CA PHE B 146 -31.28 5.06 -4.45
C PHE B 146 -30.16 5.09 -3.41
N GLY B 147 -29.05 4.40 -3.68
CA GLY B 147 -27.97 4.34 -2.70
C GLY B 147 -27.45 5.71 -2.29
N TRP B 148 -26.94 6.46 -3.25
CA TRP B 148 -26.32 7.75 -2.95
C TRP B 148 -27.30 8.87 -2.60
N SER B 149 -28.44 8.88 -3.27
CA SER B 149 -29.51 9.85 -3.00
C SER B 149 -29.92 9.77 -1.54
N VAL B 150 -30.24 8.57 -1.08
CA VAL B 150 -30.61 8.36 0.32
C VAL B 150 -29.43 8.58 1.28
N ALA B 151 -28.26 8.02 0.97
CA ALA B 151 -27.10 8.14 1.88
C ALA B 151 -26.64 9.58 2.13
N THR B 152 -26.51 10.35 1.06
CA THR B 152 -26.05 11.74 1.17
C THR B 152 -27.01 12.61 1.97
N THR B 153 -28.29 12.52 1.63
CA THR B 153 -29.33 13.34 2.26
C THR B 153 -29.50 12.96 3.73
N ALA B 154 -29.62 11.66 4.03
CA ALA B 154 -29.78 11.20 5.41
C ALA B 154 -28.58 11.58 6.29
N THR B 155 -27.36 11.40 5.79
CA THR B 155 -26.16 11.77 6.57
C THR B 155 -26.03 13.28 6.76
N CYS B 156 -26.24 14.07 5.69
CA CYS B 156 -26.24 15.53 5.82
C CYS B 156 -27.33 16.05 6.75
N ASP B 157 -28.56 15.50 6.65
CA ASP B 157 -29.65 15.84 7.60
C ASP B 157 -29.26 15.52 9.04
N PHE B 158 -28.61 14.37 9.27
CA PHE B 158 -28.16 13.99 10.59
C PHE B 158 -27.16 15.02 11.16
N LEU B 159 -26.26 15.50 10.29
CA LEU B 159 -25.36 16.58 10.65
C LEU B 159 -26.00 17.96 10.78
N GLY B 160 -27.21 18.15 10.28
CA GLY B 160 -27.88 19.43 10.31
C GLY B 160 -27.43 20.37 9.20
N ILE B 161 -26.89 19.85 8.09
CA ILE B 161 -26.55 20.73 6.96
C ILE B 161 -27.90 21.13 6.31
N PRO B 162 -28.15 22.45 6.12
CA PRO B 162 -29.40 22.81 5.44
C PRO B 162 -29.45 22.26 4.04
N ARG B 163 -30.65 21.92 3.57
CA ARG B 163 -30.85 21.27 2.27
C ARG B 163 -30.21 22.01 1.10
N ASP B 164 -30.30 23.33 1.12
CA ASP B 164 -29.71 24.20 0.09
C ASP B 164 -28.20 24.02 -0.07
N ASP B 165 -27.52 23.69 1.04
CA ASP B 165 -26.05 23.57 1.06
C ASP B 165 -25.53 22.18 0.73
N GLN B 166 -26.37 21.16 0.83
CA GLN B 166 -25.87 19.78 0.91
C GLN B 166 -25.13 19.30 -0.34
N ALA B 167 -25.70 19.60 -1.51
CA ALA B 167 -25.12 19.14 -2.78
C ALA B 167 -23.70 19.68 -3.00
N ASP B 168 -23.51 20.98 -2.76
CA ASP B 168 -22.21 21.65 -2.93
C ASP B 168 -21.19 21.14 -1.92
N LEU B 169 -21.62 21.01 -0.66
CA LEU B 169 -20.74 20.62 0.43
C LEU B 169 -20.27 19.18 0.26
N ALA B 170 -21.20 18.27 -0.01
CA ALA B 170 -20.85 16.86 -0.27
C ALA B 170 -19.87 16.75 -1.45
N ARG B 171 -20.15 17.47 -2.52
CA ARG B 171 -19.25 17.53 -3.68
C ARG B 171 -17.80 17.96 -3.31
N SER B 172 -17.70 19.08 -2.58
CA SER B 172 -16.42 19.56 -2.04
C SER B 172 -15.65 18.50 -1.24
N LEU B 173 -16.34 17.83 -0.32
CA LEU B 173 -15.72 16.79 0.50
C LEU B 173 -15.22 15.64 -0.35
N HIS B 174 -16.04 15.24 -1.32
CA HIS B 174 -15.68 14.15 -2.23
C HIS B 174 -14.51 14.53 -3.14
N ALA B 175 -14.54 15.74 -3.70
CA ALA B 175 -13.41 16.26 -4.49
C ALA B 175 -12.10 16.16 -3.73
N SER B 176 -12.07 16.75 -2.54
CA SER B 176 -10.86 16.82 -1.70
C SER B 176 -10.21 15.45 -1.43
N ARG B 177 -11.03 14.40 -1.30
CA ARG B 177 -10.54 13.03 -1.11
C ARG B 177 -10.18 12.34 -2.44
N THR B 178 -10.89 12.70 -3.53
CA THR B 178 -10.83 11.96 -4.81
C THR B 178 -9.76 12.42 -5.80
N GLU B 179 -9.86 13.66 -6.27
CA GLU B 179 -9.14 14.10 -7.47
C GLU B 179 -7.64 13.78 -7.55
N ARG B 180 -7.18 13.54 -8.78
CA ARG B 180 -5.76 13.25 -9.06
C ARG B 180 -4.94 14.51 -8.84
N SER B 181 -5.41 15.61 -9.45
CA SER B 181 -4.84 16.94 -9.22
CA SER B 181 -4.82 16.93 -9.21
C SER B 181 -4.88 17.27 -7.72
N GLY B 182 -3.71 17.49 -7.12
CA GLY B 182 -3.61 17.89 -5.73
C GLY B 182 -4.01 19.35 -5.49
N LYS B 183 -4.00 20.18 -6.54
CA LYS B 183 -4.48 21.58 -6.45
C LYS B 183 -5.98 21.66 -6.20
N ARG B 184 -6.75 20.92 -6.99
CA ARG B 184 -8.19 20.84 -6.78
C ARG B 184 -8.56 20.14 -5.46
N ARG B 185 -7.68 19.26 -4.97
CA ARG B 185 -7.83 18.68 -3.64
C ARG B 185 -7.80 19.72 -2.51
N THR B 186 -6.81 20.60 -2.55
CA THR B 186 -6.65 21.67 -1.55
C THR B 186 -7.74 22.73 -1.63
N ALA B 187 -8.13 23.12 -2.86
CA ALA B 187 -9.22 24.07 -3.08
C ALA B 187 -10.56 23.54 -2.55
N ALA B 188 -10.87 22.29 -2.86
CA ALA B 188 -12.09 21.64 -2.39
C ALA B 188 -12.08 21.43 -0.86
N GLY B 189 -10.93 21.00 -0.33
CA GLY B 189 -10.74 20.82 1.11
C GLY B 189 -10.99 22.10 1.89
N ASN B 190 -10.45 23.21 1.39
CA ASN B 190 -10.65 24.53 2.01
C ASN B 190 -12.09 25.03 1.91
N LYS B 191 -12.78 24.66 0.84
CA LYS B 191 -14.19 25.03 0.68
C LYS B 191 -15.02 24.28 1.74
N PHE B 192 -14.74 22.99 1.90
CA PHE B 192 -15.37 22.18 2.94
C PHE B 192 -15.08 22.70 4.36
N MET B 193 -13.80 22.94 4.64
CA MET B 193 -13.34 23.43 5.95
C MET B 193 -13.88 24.78 6.39
N THR B 194 -13.96 25.73 5.44
CA THR B 194 -14.50 27.05 5.73
C THR B 194 -15.99 26.96 6.09
N TYR B 195 -16.72 26.12 5.39
CA TYR B 195 -18.13 25.88 5.72
C TYR B 195 -18.24 25.29 7.14
N MET B 196 -17.51 24.21 7.41
CA MET B 196 -17.58 23.54 8.72
C MET B 196 -17.12 24.42 9.89
N ASN B 197 -16.08 25.22 9.69
CA ASN B 197 -15.61 26.14 10.72
C ASN B 197 -16.68 27.17 11.12
N LYS B 198 -17.45 27.65 10.14
CA LYS B 198 -18.58 28.55 10.45
C LYS B 198 -19.66 27.81 11.24
N MET B 199 -20.03 26.64 10.74
CA MET B 199 -21.01 25.76 11.39
C MET B 199 -20.66 25.45 12.84
N THR B 200 -19.38 25.17 13.09
CA THR B 200 -18.87 24.99 14.44
C THR B 200 -19.04 26.27 15.28
N ALA B 201 -18.61 27.41 14.75
CA ALA B 201 -18.77 28.68 15.44
C ALA B 201 -20.25 28.94 15.76
N ARG B 202 -21.14 28.71 14.79
CA ARG B 202 -22.58 28.86 15.01
C ARG B 202 -23.09 27.97 16.14
N THR B 203 -22.75 26.69 16.08
CA THR B 203 -23.14 25.74 17.12
C THR B 203 -22.68 26.15 18.52
N ARG B 204 -21.41 26.51 18.65
CA ARG B 204 -20.87 26.97 19.95
C ARG B 204 -21.56 28.21 20.52
N ARG B 205 -22.16 29.06 19.68
CA ARG B 205 -22.97 30.19 20.18
C ARG B 205 -24.33 29.73 20.73
N ASP B 206 -25.05 28.91 19.97
CA ASP B 206 -26.28 28.26 20.47
C ASP B 206 -26.45 26.81 19.96
N PRO B 207 -26.18 25.81 20.83
CA PRO B 207 -26.27 24.42 20.36
C PRO B 207 -27.66 23.98 19.87
N GLY B 208 -27.70 23.40 18.67
CA GLY B 208 -28.95 22.97 18.05
C GLY B 208 -29.25 21.48 18.18
N ASP B 209 -30.09 20.99 17.27
CA ASP B 209 -30.73 19.69 17.39
C ASP B 209 -29.89 18.58 16.76
N ASP B 210 -29.10 18.93 15.76
CA ASP B 210 -28.25 17.99 15.01
C ASP B 210 -27.04 17.42 15.81
N MET B 211 -26.17 16.68 15.12
CA MET B 211 -24.98 16.06 15.69
C MET B 211 -24.09 17.05 16.46
N PHE B 212 -23.81 18.21 15.87
CA PHE B 212 -22.91 19.20 16.51
C PHE B 212 -23.47 19.76 17.81
N GLY B 213 -24.74 20.13 17.81
CA GLY B 213 -25.36 20.71 19.01
C GLY B 213 -25.46 19.76 20.19
N VAL B 214 -25.77 18.50 19.92
CA VAL B 214 -25.76 17.45 20.95
C VAL B 214 -24.38 17.32 21.58
N VAL B 215 -23.34 17.23 20.75
CA VAL B 215 -21.98 17.06 21.23
C VAL B 215 -21.52 18.29 22.03
N VAL B 216 -21.69 19.47 21.44
CA VAL B 216 -21.24 20.70 22.08
C VAL B 216 -21.94 20.94 23.42
N ARG B 217 -23.20 20.53 23.54
CA ARG B 217 -23.95 20.68 24.82
C ARG B 217 -23.36 19.84 25.95
N GLU B 218 -23.07 18.58 25.65
CA GLU B 218 -22.61 17.67 26.66
C GLU B 218 -21.11 17.81 26.89
N TYR B 219 -20.37 18.19 25.85
CA TYR B 219 -18.90 18.11 25.88
C TYR B 219 -18.22 19.28 25.17
N GLY B 220 -18.86 20.44 25.20
CA GLY B 220 -18.44 21.60 24.41
C GLY B 220 -17.00 21.99 24.56
N ASP B 221 -16.59 22.20 25.79
CA ASP B 221 -15.21 22.62 26.03
C ASP B 221 -14.19 21.54 25.66
N GLU B 222 -14.46 20.29 26.08
CA GLU B 222 -13.47 19.24 26.00
C GLU B 222 -13.22 18.72 24.57
N ILE B 223 -14.05 19.13 23.60
CA ILE B 223 -13.87 18.72 22.19
C ILE B 223 -13.45 19.93 21.35
N THR B 224 -12.50 19.73 20.44
CA THR B 224 -11.99 20.84 19.60
C THR B 224 -12.80 20.95 18.29
N ASP B 225 -12.64 22.09 17.62
CA ASP B 225 -13.26 22.34 16.32
C ASP B 225 -12.81 21.34 15.28
N ALA B 226 -11.51 21.04 15.26
CA ALA B 226 -10.93 20.06 14.33
C ALA B 226 -11.50 18.66 14.50
N GLU B 227 -11.71 18.26 15.75
CA GLU B 227 -12.35 16.99 16.06
C GLU B 227 -13.82 16.95 15.59
N LEU B 228 -14.59 18.01 15.84
CA LEU B 228 -15.98 18.11 15.33
C LEU B 228 -16.03 18.00 13.81
N THR B 229 -15.19 18.77 13.15
CA THR B 229 -15.07 18.77 11.70
C THR B 229 -14.70 17.40 11.19
N GLY B 230 -13.74 16.76 11.86
CA GLY B 230 -13.31 15.42 11.52
C GLY B 230 -14.43 14.40 11.60
N VAL B 231 -15.26 14.50 12.62
CA VAL B 231 -16.38 13.57 12.77
C VAL B 231 -17.41 13.81 11.65
N ALA B 232 -17.72 15.08 11.37
CA ALA B 232 -18.62 15.42 10.27
C ALA B 232 -18.15 14.87 8.93
N ALA B 233 -16.88 15.06 8.63
CA ALA B 233 -16.29 14.58 7.40
C ALA B 233 -16.35 13.04 7.29
N PHE B 234 -16.11 12.34 8.40
CA PHE B 234 -16.31 10.91 8.42
C PHE B 234 -17.78 10.50 8.15
N VAL B 235 -18.72 11.17 8.81
CA VAL B 235 -20.12 10.86 8.61
C VAL B 235 -20.56 11.11 7.15
N MET B 236 -20.22 12.28 6.62
CA MET B 236 -20.52 12.65 5.22
C MET B 236 -19.75 11.91 4.14
N GLY B 237 -18.52 11.46 4.43
CA GLY B 237 -17.67 10.80 3.46
C GLY B 237 -17.84 9.30 3.53
N ALA B 238 -17.12 8.71 4.49
CA ALA B 238 -17.04 7.26 4.69
C ALA B 238 -18.35 6.64 5.15
N GLY B 239 -19.00 7.28 6.12
CA GLY B 239 -20.31 6.85 6.59
C GLY B 239 -21.30 6.77 5.43
N ALA B 240 -21.43 7.86 4.69
CA ALA B 240 -22.33 7.92 3.54
C ALA B 240 -22.01 6.85 2.49
N ASP B 241 -20.71 6.64 2.24
CA ASP B 241 -20.22 5.58 1.35
C ASP B 241 -20.69 4.19 1.75
N GLN B 242 -20.51 3.88 3.04
CA GLN B 242 -20.96 2.62 3.62
C GLN B 242 -22.47 2.42 3.42
N VAL B 243 -23.24 3.47 3.67
CA VAL B 243 -24.68 3.39 3.57
C VAL B 243 -25.12 3.25 2.11
N ALA B 244 -24.56 4.06 1.21
CA ALA B 244 -24.88 3.97 -0.21
C ALA B 244 -24.55 2.59 -0.80
N ARG B 245 -23.39 2.04 -0.47
CA ARG B 245 -22.99 0.74 -1.00
C ARG B 245 -23.89 -0.38 -0.51
N PHE B 246 -24.27 -0.33 0.77
CA PHE B 246 -25.22 -1.29 1.32
C PHE B 246 -26.62 -1.23 0.65
N LEU B 247 -27.15 -0.03 0.49
CA LEU B 247 -28.48 0.14 -0.13
C LEU B 247 -28.48 -0.35 -1.59
N ALA B 248 -27.38 -0.10 -2.32
CA ALA B 248 -27.25 -0.62 -3.68
C ALA B 248 -27.22 -2.16 -3.68
N ALA B 249 -26.46 -2.76 -2.76
CA ALA B 249 -26.41 -4.23 -2.67
C ALA B 249 -27.74 -4.81 -2.17
N GLY B 250 -28.43 -4.09 -1.29
CA GLY B 250 -29.76 -4.45 -0.85
C GLY B 250 -30.79 -4.45 -1.96
N ALA B 251 -30.80 -3.38 -2.77
CA ALA B 251 -31.69 -3.31 -3.92
C ALA B 251 -31.43 -4.46 -4.91
N TRP B 252 -30.16 -4.84 -5.08
CA TRP B 252 -29.80 -5.97 -5.95
C TRP B 252 -30.37 -7.28 -5.38
N LEU B 253 -30.17 -7.50 -4.08
CA LEU B 253 -30.73 -8.68 -3.41
C LEU B 253 -32.26 -8.73 -3.51
N MET B 254 -32.91 -7.58 -3.41
CA MET B 254 -34.37 -7.50 -3.57
C MET B 254 -34.85 -7.85 -4.99
N ALA B 255 -34.19 -7.30 -6.01
CA ALA B 255 -34.46 -7.70 -7.39
C ALA B 255 -34.11 -9.20 -7.66
N ASP B 256 -33.05 -9.69 -7.05
CA ASP B 256 -32.63 -11.07 -7.20
C ASP B 256 -33.56 -12.08 -6.50
N ASP B 257 -34.10 -11.73 -5.34
CA ASP B 257 -34.93 -12.66 -4.57
C ASP B 257 -36.21 -11.96 -4.11
N PRO B 258 -37.11 -11.64 -5.07
CA PRO B 258 -38.30 -10.89 -4.72
C PRO B 258 -39.27 -11.58 -3.75
N GLU B 259 -39.32 -12.92 -3.74
CA GLU B 259 -40.29 -13.64 -2.91
C GLU B 259 -40.05 -13.46 -1.40
N GLN B 260 -38.80 -13.40 -0.99
CA GLN B 260 -38.50 -13.18 0.44
C GLN B 260 -38.85 -11.77 0.90
N PHE B 261 -38.64 -10.79 0.03
CA PHE B 261 -39.02 -9.41 0.35
C PHE B 261 -40.51 -9.14 0.22
N ALA B 262 -41.23 -9.97 -0.53
CA ALA B 262 -42.70 -9.93 -0.53
C ALA B 262 -43.24 -10.33 0.86
N LEU B 263 -42.51 -11.23 1.53
CA LEU B 263 -42.80 -11.63 2.91
C LEU B 263 -42.58 -10.47 3.87
N LEU B 264 -41.47 -9.74 3.70
CA LEU B 264 -41.23 -8.51 4.45
C LEU B 264 -42.35 -7.49 4.24
N ARG B 265 -42.79 -7.26 3.00
CA ARG B 265 -43.79 -6.20 2.81
C ARG B 265 -45.20 -6.58 3.30
N GLU B 266 -45.59 -7.85 3.12
CA GLU B 266 -46.96 -8.30 3.48
C GLU B 266 -47.10 -8.71 4.95
N LYS B 267 -46.11 -9.40 5.51
CA LYS B 267 -46.18 -9.91 6.89
C LYS B 267 -44.92 -9.55 7.69
N PRO B 268 -44.60 -8.25 7.80
CA PRO B 268 -43.35 -7.81 8.46
C PRO B 268 -43.18 -8.27 9.92
N ASP B 269 -44.28 -8.48 10.62
CA ASP B 269 -44.25 -8.92 12.03
C ASP B 269 -43.86 -10.39 12.20
N THR B 270 -44.00 -11.19 11.15
CA THR B 270 -43.52 -12.57 11.16
C THR B 270 -42.00 -12.67 11.02
N VAL B 271 -41.33 -11.62 10.54
CA VAL B 271 -39.87 -11.59 10.33
C VAL B 271 -39.21 -10.43 11.08
N PRO B 272 -39.37 -10.39 12.42
CA PRO B 272 -38.85 -9.25 13.20
C PRO B 272 -37.35 -9.01 13.05
N ASP B 273 -36.55 -10.05 12.86
CA ASP B 273 -35.09 -9.89 12.74
C ASP B 273 -34.59 -9.86 11.29
N TRP B 274 -35.45 -9.51 10.34
CA TRP B 274 -35.12 -9.54 8.90
C TRP B 274 -33.84 -8.76 8.54
N LEU B 275 -33.63 -7.61 9.20
CA LEU B 275 -32.50 -6.75 8.85
C LEU B 275 -31.18 -7.38 9.27
N ASP B 276 -31.13 -8.04 10.42
CA ASP B 276 -29.93 -8.77 10.83
C ASP B 276 -29.52 -9.84 9.80
N GLU B 277 -30.48 -10.53 9.18
CA GLU B 277 -30.17 -11.49 8.10
C GLU B 277 -29.67 -10.82 6.82
N VAL B 278 -30.26 -9.70 6.43
CA VAL B 278 -29.83 -8.99 5.23
C VAL B 278 -28.40 -8.51 5.43
N ILE B 279 -28.13 -7.94 6.60
CA ILE B 279 -26.78 -7.48 6.95
C ILE B 279 -25.76 -8.64 6.99
N ARG B 280 -26.11 -9.73 7.65
CA ARG B 280 -25.26 -10.93 7.69
C ARG B 280 -24.89 -11.42 6.28
N TYR B 281 -25.90 -11.60 5.44
CA TYR B 281 -25.71 -12.16 4.12
C TYR B 281 -24.89 -11.24 3.23
N LEU B 282 -25.19 -9.95 3.23
CA LEU B 282 -24.49 -9.00 2.36
C LEU B 282 -23.06 -8.66 2.80
N THR B 283 -22.87 -8.44 4.11
CA THR B 283 -21.56 -8.07 4.71
C THR B 283 -20.75 -7.13 3.80
N THR B 284 -21.24 -5.90 3.66
CA THR B 284 -20.69 -4.97 2.67
C THR B 284 -19.38 -4.29 3.11
N ASP B 285 -18.98 -4.47 4.36
CA ASP B 285 -17.62 -4.15 4.82
C ASP B 285 -16.97 -5.48 5.23
N GLU B 286 -16.21 -6.07 4.31
CA GLU B 286 -15.78 -7.46 4.44
C GLU B 286 -14.68 -7.75 5.46
N LYS B 287 -13.88 -6.74 5.82
CA LYS B 287 -12.80 -6.96 6.79
C LYS B 287 -12.52 -5.71 7.63
N THR B 288 -11.88 -5.92 8.79
CA THR B 288 -11.51 -4.84 9.68
C THR B 288 -10.16 -4.31 9.25
N HIS B 289 -9.79 -3.14 9.75
CA HIS B 289 -8.43 -2.64 9.58
C HIS B 289 -7.47 -3.62 10.29
N PRO B 290 -6.30 -3.90 9.69
CA PRO B 290 -5.36 -4.75 10.38
C PRO B 290 -4.85 -4.18 11.70
N ARG B 291 -4.73 -5.06 12.69
CA ARG B 291 -4.26 -4.75 14.01
C ARG B 291 -2.84 -5.31 14.18
N VAL B 292 -1.97 -4.59 14.91
CA VAL B 292 -0.64 -5.11 15.25
C VAL B 292 -0.69 -5.72 16.65
N ALA B 293 -0.14 -6.92 16.82
CA ALA B 293 0.05 -7.53 18.15
C ALA B 293 1.10 -6.79 18.96
N THR B 294 0.72 -6.35 20.15
CA THR B 294 1.64 -5.74 21.09
C THR B 294 2.09 -6.72 22.20
N ASP B 295 1.52 -7.93 22.24
CA ASP B 295 2.09 -9.02 23.03
C ASP B 295 1.91 -10.33 22.23
N ASP B 296 2.62 -11.38 22.59
CA ASP B 296 2.38 -12.70 22.05
C ASP B 296 0.98 -13.16 22.48
N VAL B 297 0.25 -13.80 21.58
CA VAL B 297 -1.04 -14.37 21.92
C VAL B 297 -1.27 -15.68 21.17
N ARG B 298 -1.73 -16.68 21.91
CA ARG B 298 -2.14 -17.96 21.35
C ARG B 298 -3.59 -17.86 20.88
N ILE B 299 -3.82 -18.12 19.60
CA ILE B 299 -5.15 -18.11 19.01
C ILE B 299 -5.22 -19.22 17.99
N GLY B 300 -6.35 -19.93 18.00
CA GLY B 300 -6.45 -21.21 17.32
C GLY B 300 -5.35 -22.07 17.91
N ASP B 301 -4.61 -22.69 17.00
CA ASP B 301 -3.51 -23.55 17.33
C ASP B 301 -2.24 -22.87 16.79
N HIS B 302 -2.11 -21.55 17.01
CA HIS B 302 -1.03 -20.73 16.50
C HIS B 302 -0.54 -19.76 17.53
N LEU B 303 0.71 -19.36 17.41
CA LEU B 303 1.29 -18.32 18.26
C LEU B 303 1.51 -17.04 17.45
N ILE B 304 0.68 -16.04 17.69
CA ILE B 304 0.87 -14.70 17.14
C ILE B 304 1.94 -13.98 17.94
N LYS B 305 3.06 -13.65 17.32
CA LYS B 305 4.13 -12.94 18.02
C LYS B 305 3.89 -11.45 18.03
N ALA B 306 4.36 -10.78 19.08
CA ALA B 306 4.26 -9.32 19.12
C ALA B 306 4.91 -8.77 17.83
N GLY B 307 4.21 -7.85 17.15
CA GLY B 307 4.69 -7.27 15.87
C GLY B 307 4.04 -7.91 14.66
N ASP B 308 3.54 -9.14 14.79
CA ASP B 308 2.66 -9.71 13.78
C ASP B 308 1.36 -8.90 13.64
N THR B 309 0.74 -9.00 12.48
CA THR B 309 -0.55 -8.34 12.28
C THR B 309 -1.63 -9.36 12.07
N VAL B 310 -2.86 -8.96 12.38
CA VAL B 310 -4.03 -9.79 12.14
C VAL B 310 -5.15 -8.95 11.49
N THR B 311 -5.66 -9.45 10.36
CA THR B 311 -6.80 -8.86 9.67
C THR B 311 -7.95 -9.80 9.87
N CYS B 312 -9.10 -9.27 10.30
CA CYS B 312 -10.26 -10.12 10.57
C CYS B 312 -11.24 -10.10 9.40
N SER B 313 -11.61 -11.30 8.91
CA SER B 313 -12.59 -11.46 7.85
C SER B 313 -14.01 -11.56 8.43
N LEU B 314 -14.69 -10.42 8.44
CA LEU B 314 -16.09 -10.32 8.81
C LEU B 314 -16.95 -11.09 7.81
N LEU B 315 -16.60 -11.07 6.53
CA LEU B 315 -17.27 -11.90 5.52
C LEU B 315 -17.19 -13.39 5.91
N ALA B 316 -15.98 -13.87 6.24
CA ALA B 316 -15.79 -15.26 6.66
C ALA B 316 -16.63 -15.61 7.88
N ALA B 317 -16.67 -14.72 8.89
CA ALA B 317 -17.43 -14.99 10.10
C ALA B 317 -18.94 -15.06 9.82
N ASN B 318 -19.43 -14.11 9.04
CA ASN B 318 -20.85 -13.97 8.76
C ASN B 318 -21.39 -15.03 7.82
N ARG B 319 -20.52 -15.50 6.93
CA ARG B 319 -20.84 -16.51 5.95
C ARG B 319 -20.11 -17.84 6.24
N ARG B 320 -19.92 -18.15 7.52
CA ARG B 320 -19.04 -19.25 7.95
C ARG B 320 -19.49 -20.62 7.49
N ASN B 321 -20.78 -20.80 7.27
CA ASN B 321 -21.32 -22.09 6.78
C ASN B 321 -21.48 -22.18 5.25
N PHE B 322 -21.06 -21.16 4.49
CA PHE B 322 -21.03 -21.24 3.02
C PHE B 322 -20.17 -22.43 2.58
N PRO B 323 -20.57 -23.27 1.63
CA PRO B 323 -21.75 -23.15 0.76
C PRO B 323 -22.96 -24.00 1.18
N ARG B 324 -23.04 -24.39 2.45
CA ARG B 324 -24.11 -25.27 2.90
C ARG B 324 -25.45 -24.53 2.88
N PRO B 325 -26.57 -25.27 2.76
CA PRO B 325 -27.90 -24.65 2.72
C PRO B 325 -28.21 -23.63 3.82
N GLU B 326 -27.74 -23.88 5.04
CA GLU B 326 -28.02 -23.01 6.17
C GLU B 326 -27.45 -21.59 6.02
N ASP B 327 -26.42 -21.40 5.20
CA ASP B 327 -25.87 -20.06 4.91
C ASP B 327 -26.68 -19.22 3.92
N ARG B 328 -27.58 -19.85 3.14
CA ARG B 328 -28.34 -19.14 2.12
C ARG B 328 -29.21 -18.06 2.74
N PHE B 329 -29.44 -16.99 1.99
CA PHE B 329 -30.30 -15.89 2.47
C PHE B 329 -31.68 -16.41 2.84
N ASP B 330 -32.07 -16.18 4.10
CA ASP B 330 -33.34 -16.68 4.63
C ASP B 330 -33.85 -15.64 5.61
N ILE B 331 -34.78 -14.83 5.11
CA ILE B 331 -35.30 -13.70 5.84
C ILE B 331 -36.08 -14.07 7.13
N THR B 332 -36.48 -15.34 7.28
CA THR B 332 -37.18 -15.83 8.48
C THR B 332 -36.24 -16.45 9.54
N ARG B 333 -34.94 -16.48 9.29
CA ARG B 333 -33.97 -17.02 10.26
C ARG B 333 -34.14 -16.33 11.62
N VAL B 334 -34.31 -17.14 12.66
CA VAL B 334 -34.47 -16.66 14.03
C VAL B 334 -33.11 -16.16 14.56
N ARG B 335 -33.10 -14.91 15.03
CA ARG B 335 -31.92 -14.26 15.61
C ARG B 335 -30.61 -14.49 14.84
N PRO B 336 -30.53 -13.98 13.59
CA PRO B 336 -29.29 -14.14 12.81
C PRO B 336 -28.09 -13.49 13.51
N GLU B 337 -26.95 -14.16 13.49
CA GLU B 337 -25.72 -13.67 14.11
C GLU B 337 -24.76 -13.14 13.08
N HIS B 338 -24.23 -11.95 13.35
CA HIS B 338 -23.16 -11.41 12.51
C HIS B 338 -22.26 -10.45 13.30
N LEU B 339 -21.11 -10.17 12.70
CA LEU B 339 -20.14 -9.19 13.17
C LEU B 339 -19.89 -8.12 12.11
N ALA B 340 -20.91 -7.81 11.31
CA ALA B 340 -20.82 -6.82 10.21
C ALA B 340 -20.34 -5.43 10.61
N PHE B 341 -20.60 -5.08 11.87
CA PHE B 341 -20.18 -3.79 12.44
C PHE B 341 -18.97 -3.92 13.38
N GLY B 342 -18.23 -5.03 13.27
CA GLY B 342 -17.04 -5.23 14.07
C GLY B 342 -17.36 -5.62 15.50
N HIS B 343 -16.39 -5.42 16.38
CA HIS B 343 -16.44 -5.94 17.75
C HIS B 343 -15.34 -5.27 18.60
N GLY B 344 -15.55 -5.21 19.90
CA GLY B 344 -14.65 -4.55 20.85
C GLY B 344 -14.76 -3.04 20.80
N ILE B 345 -13.72 -2.34 21.24
CA ILE B 345 -13.78 -0.88 21.44
C ILE B 345 -13.98 -0.08 20.10
N HIS B 346 -13.58 -0.66 18.97
CA HIS B 346 -13.72 -0.01 17.68
C HIS B 346 -15.01 -0.37 16.91
N HIS B 347 -15.97 -1.04 17.56
CA HIS B 347 -17.21 -1.43 16.92
C HIS B 347 -17.92 -0.20 16.37
N CYS B 348 -18.56 -0.36 15.22
CA CYS B 348 -19.10 0.76 14.47
C CYS B 348 -19.79 1.81 15.36
N LEU B 349 -19.27 3.03 15.37
CA LEU B 349 -19.96 4.14 16.04
C LEU B 349 -21.31 4.48 15.38
N GLY B 350 -21.41 4.32 14.06
CA GLY B 350 -22.60 4.70 13.32
C GLY B 350 -23.62 3.59 13.10
N ARG B 351 -23.51 2.49 13.86
CA ARG B 351 -24.35 1.31 13.59
C ARG B 351 -25.82 1.69 13.66
N SER B 352 -26.21 2.41 14.70
CA SER B 352 -27.61 2.71 14.94
C SER B 352 -28.20 3.66 13.86
N LEU B 353 -27.40 4.60 13.37
CA LEU B 353 -27.78 5.43 12.22
C LEU B 353 -27.90 4.59 10.94
N ALA B 354 -26.88 3.78 10.63
CA ALA B 354 -26.93 2.92 9.46
C ALA B 354 -28.17 2.03 9.47
N GLU B 355 -28.44 1.37 10.60
CA GLU B 355 -29.59 0.47 10.70
C GLU B 355 -30.93 1.16 10.54
N LEU B 356 -31.05 2.37 11.09
CA LEU B 356 -32.26 3.20 10.93
C LEU B 356 -32.54 3.51 9.45
N VAL B 357 -31.50 3.90 8.73
CA VAL B 357 -31.60 4.15 7.29
C VAL B 357 -32.04 2.87 6.54
N PHE B 358 -31.45 1.72 6.87
CA PHE B 358 -31.73 0.48 6.16
C PHE B 358 -33.13 -0.03 6.49
N ARG B 359 -33.48 0.03 7.79
CA ARG B 359 -34.79 -0.39 8.32
CA ARG B 359 -34.77 -0.43 8.27
C ARG B 359 -35.92 0.41 7.68
N THR B 360 -35.63 1.64 7.28
CA THR B 360 -36.61 2.54 6.70
C THR B 360 -36.62 2.41 5.18
N ALA B 361 -35.45 2.48 4.56
CA ALA B 361 -35.39 2.54 3.09
C ALA B 361 -35.74 1.22 2.38
N ILE B 362 -35.38 0.09 2.97
CA ILE B 362 -35.61 -1.19 2.31
C ILE B 362 -37.11 -1.55 2.23
N PRO B 363 -37.85 -1.49 3.37
CA PRO B 363 -39.30 -1.66 3.28
C PRO B 363 -39.97 -0.65 2.40
N ALA B 364 -39.51 0.61 2.43
CA ALA B 364 -40.07 1.64 1.54
C ALA B 364 -39.95 1.24 0.05
N LEU B 365 -38.77 0.75 -0.34
CA LEU B 365 -38.53 0.24 -1.69
C LEU B 365 -39.43 -0.95 -2.03
N ALA B 366 -39.49 -1.95 -1.16
CA ALA B 366 -40.34 -3.12 -1.40
C ALA B 366 -41.81 -2.76 -1.61
N HIS B 367 -42.33 -1.81 -0.82
CA HIS B 367 -43.68 -1.30 -0.99
C HIS B 367 -43.90 -0.49 -2.27
N ARG B 368 -42.90 0.32 -2.65
CA ARG B 368 -43.09 1.18 -3.82
C ARG B 368 -43.00 0.39 -5.13
N PHE B 369 -42.06 -0.53 -5.21
CA PHE B 369 -41.79 -1.26 -6.42
C PHE B 369 -41.79 -2.76 -6.13
N PRO B 370 -42.99 -3.34 -5.86
CA PRO B 370 -43.05 -4.80 -5.69
C PRO B 370 -42.68 -5.62 -6.93
N THR B 371 -42.69 -5.00 -8.12
CA THR B 371 -42.28 -5.62 -9.38
C THR B 371 -40.81 -5.35 -9.76
N LEU B 372 -40.01 -4.82 -8.82
CA LEU B 372 -38.62 -4.48 -9.09
C LEU B 372 -37.87 -5.67 -9.69
N ARG B 373 -37.12 -5.42 -10.76
CA ARG B 373 -36.33 -6.46 -11.44
C ARG B 373 -35.11 -5.83 -12.11
N LEU B 374 -34.13 -6.66 -12.44
CA LEU B 374 -33.01 -6.23 -13.28
C LEU B 374 -33.54 -5.81 -14.65
N ALA B 375 -32.99 -4.73 -15.19
CA ALA B 375 -33.36 -4.24 -16.52
C ALA B 375 -32.85 -5.18 -17.62
N GLU B 376 -31.62 -5.64 -17.45
CA GLU B 376 -30.95 -6.58 -18.34
C GLU B 376 -30.61 -7.84 -17.51
N PRO B 377 -31.59 -8.76 -17.32
CA PRO B 377 -31.47 -9.90 -16.40
C PRO B 377 -30.25 -10.80 -16.61
N HIS B 378 -29.85 -10.98 -17.86
CA HIS B 378 -28.68 -11.82 -18.19
C HIS B 378 -27.33 -11.09 -18.17
N ARG B 379 -27.34 -9.75 -18.16
CA ARG B 379 -26.11 -8.96 -18.12
C ARG B 379 -25.56 -8.96 -16.70
N GLU B 380 -24.26 -9.23 -16.57
CA GLU B 380 -23.62 -9.36 -15.26
C GLU B 380 -23.44 -7.99 -14.60
N ILE B 381 -23.62 -7.96 -13.29
CA ILE B 381 -23.39 -6.74 -12.53
C ILE B 381 -21.89 -6.62 -12.24
N ARG B 382 -21.32 -5.46 -12.53
CA ARG B 382 -19.89 -5.22 -12.38
C ARG B 382 -19.58 -4.73 -10.97
N LEU B 383 -18.64 -5.39 -10.33
CA LEU B 383 -18.24 -5.06 -8.98
C LEU B 383 -16.86 -4.43 -9.03
N GLY B 384 -16.67 -3.33 -8.30
CA GLY B 384 -15.39 -2.66 -8.19
C GLY B 384 -14.50 -3.32 -7.17
N PRO B 385 -13.34 -2.72 -6.88
CA PRO B 385 -12.51 -3.24 -5.81
C PRO B 385 -13.28 -3.29 -4.47
N PRO B 386 -12.94 -4.23 -3.58
CA PRO B 386 -13.50 -4.27 -2.23
C PRO B 386 -13.28 -2.93 -1.50
N PRO B 387 -14.15 -2.53 -0.57
CA PRO B 387 -15.30 -3.32 -0.13
C PRO B 387 -16.52 -3.26 -1.08
N PHE B 388 -17.42 -4.23 -0.91
CA PHE B 388 -18.58 -4.50 -1.81
C PHE B 388 -19.12 -3.27 -2.53
N ASP B 389 -18.83 -3.20 -3.81
CA ASP B 389 -19.02 -2.01 -4.58
C ASP B 389 -19.72 -2.32 -5.90
N VAL B 390 -21.05 -2.25 -5.87
CA VAL B 390 -21.84 -2.38 -7.10
C VAL B 390 -21.63 -1.11 -7.90
N GLU B 391 -21.03 -1.23 -9.07
CA GLU B 391 -20.67 -0.08 -9.90
C GLU B 391 -21.88 0.55 -10.62
N ALA B 392 -22.85 -0.27 -11.03
CA ALA B 392 -24.07 0.21 -11.68
C ALA B 392 -25.15 -0.85 -11.54
N LEU B 393 -26.38 -0.45 -11.21
CA LEU B 393 -27.46 -1.40 -10.97
C LEU B 393 -28.73 -0.92 -11.66
N LEU B 394 -28.87 -1.30 -12.93
CA LEU B 394 -29.98 -0.86 -13.76
C LEU B 394 -31.20 -1.69 -13.44
N LEU B 395 -32.19 -1.06 -12.81
CA LEU B 395 -33.41 -1.75 -12.42
C LEU B 395 -34.59 -1.15 -13.14
N ASP B 396 -35.64 -1.95 -13.26
CA ASP B 396 -36.92 -1.52 -13.82
C ASP B 396 -38.02 -2.11 -12.93
N TRP B 397 -39.28 -1.83 -13.25
CA TRP B 397 -40.40 -2.31 -12.44
C TRP B 397 -41.68 -2.36 -13.28
CHA HEM C . 13.62 1.49 -10.26
CHB HEM C . 15.06 4.89 -7.14
CHC HEM C . 19.45 2.76 -6.81
CHD HEM C . 17.91 -0.64 -9.89
C1A HEM C . 13.64 2.57 -9.42
C2A HEM C . 12.55 3.46 -9.24
C3A HEM C . 12.95 4.41 -8.37
C4A HEM C . 14.29 4.13 -8.01
CMA HEM C . 12.09 5.56 -7.87
CAA HEM C . 11.17 3.36 -9.85
CBA HEM C . 11.03 4.23 -11.09
CGA HEM C . 9.68 4.03 -11.73
O1A HEM C . 8.96 3.03 -11.48
O2A HEM C . 9.27 4.88 -12.55
C1B HEM C . 16.38 4.62 -6.78
C2B HEM C . 17.14 5.42 -5.88
C3B HEM C . 18.39 4.84 -5.77
C4B HEM C . 18.36 3.64 -6.65
CMB HEM C . 16.68 6.68 -5.19
CAB HEM C . 19.60 5.26 -5.01
CBB HEM C . 19.77 6.38 -4.30
C1C HEM C . 19.43 1.62 -7.63
C2C HEM C . 20.52 0.76 -7.89
C3C HEM C . 20.07 -0.21 -8.78
C4C HEM C . 18.70 0.07 -9.04
CMC HEM C . 21.92 0.89 -7.30
CAC HEM C . 20.82 -1.36 -9.38
CBC HEM C . 22.11 -1.65 -9.21
C1D HEM C . 16.61 -0.29 -10.21
C2D HEM C . 15.83 -1.10 -11.17
C3D HEM C . 14.64 -0.49 -11.27
C4D HEM C . 14.71 0.67 -10.38
CMD HEM C . 16.20 -2.36 -11.94
CAD HEM C . 13.49 -0.96 -12.13
CBD HEM C . 12.62 -1.96 -11.38
CGD HEM C . 11.60 -2.61 -12.29
O1D HEM C . 10.89 -3.56 -11.86
O2D HEM C . 11.42 -2.22 -13.46
NA HEM C . 14.71 3.00 -8.68
NB HEM C . 17.14 3.58 -7.19
NC HEM C . 18.35 1.20 -8.36
ND HEM C . 15.90 0.77 -9.75
FE HEM C . 16.49 2.12 -8.54
C1 GOL D . 12.91 11.04 -15.87
O1 GOL D . 14.06 10.22 -15.66
C2 GOL D . 12.07 10.55 -17.06
O2 GOL D . 12.30 9.15 -17.32
C3 GOL D . 10.57 10.74 -16.86
O3 GOL D . 10.22 11.91 -16.09
C1 GOL E . 29.41 -7.87 -22.18
O1 GOL E . 29.41 -7.36 -23.52
C2 GOL E . 29.48 -9.39 -22.20
O2 GOL E . 30.79 -9.83 -22.57
C3 GOL E . 29.17 -9.98 -20.83
O3 GOL E . 28.68 -11.33 -20.92
C ACT F . 17.99 9.47 -13.55
O ACT F . 17.40 10.58 -13.54
OXT ACT F . 18.77 9.15 -12.63
CH3 ACT F . 17.73 8.51 -14.68
CHA HEM G . -16.17 1.48 12.51
CHB HEM G . -18.99 5.33 11.63
CHC HEM G . -21.77 2.60 8.71
CHD HEM G . -18.99 -1.22 9.66
C1A HEM G . -16.68 2.75 12.49
C2A HEM G . -16.07 3.87 13.13
C3A HEM G . -16.87 4.95 12.89
C4A HEM G . -17.97 4.51 12.11
CMA HEM G . -16.62 6.36 13.36
CAA HEM G . -14.78 3.85 13.92
CBA HEM G . -15.11 3.51 15.38
CGA HEM G . -13.90 3.42 16.29
O1A HEM G . -12.75 3.18 15.86
O2A HEM G . -14.06 3.56 17.54
C1B HEM G . -20.00 4.93 10.75
C2B HEM G . -21.01 5.80 10.23
C3B HEM G . -21.81 5.05 9.39
C4B HEM G . -21.23 3.68 9.43
CMB HEM G . -21.18 7.29 10.54
CAB HEM G . -23.03 5.40 8.61
CBB HEM G . -23.72 6.55 8.66
C1C HEM G . -21.26 1.31 8.68
C2C HEM G . -21.80 0.24 7.94
C3C HEM G . -20.99 -0.88 8.21
C4C HEM G . -19.98 -0.44 9.13
CMC HEM G . -23.01 0.30 7.02
CAC HEM G . -21.10 -2.27 7.71
CBC HEM G . -22.05 -2.77 6.94
C1D HEM G . -18.00 -0.73 10.52
C2D HEM G . -16.93 -1.63 11.00
C3D HEM G . -16.14 -0.90 11.79
C4D HEM G . -16.75 0.46 11.78
CMD HEM G . -16.69 -3.11 10.71
CAD HEM G . -14.91 -1.40 12.53
CBD HEM G . -13.61 -1.39 11.69
CGD HEM G . -12.42 -1.91 12.50
O1D HEM G . -11.27 -1.96 12.04
O2D HEM G . -12.53 -2.33 13.66
NA HEM G . -17.85 3.16 11.88
NB HEM G . -20.20 3.70 10.27
NC HEM G . -20.20 0.88 9.42
ND HEM G . -17.87 0.50 11.03
FE HEM G . -18.99 2.03 10.68
C1 GOL H . -13.16 14.76 28.93
O1 GOL H . -14.35 14.59 29.72
C2 GOL H . -12.77 13.46 28.23
O2 GOL H . -12.53 12.40 29.19
C3 GOL H . -13.84 13.09 27.19
O3 GOL H . -14.17 11.69 27.20
C1 GOL I . -41.93 2.19 -15.41
O1 GOL I . -41.25 3.41 -15.72
C2 GOL I . -42.10 1.35 -16.68
O2 GOL I . -40.84 0.75 -17.00
C3 GOL I . -43.21 0.30 -16.49
O3 GOL I . -42.78 -1.01 -16.91
C1 GOL J . -27.46 -8.12 17.31
O1 GOL J . -28.57 -7.48 16.67
C2 GOL J . -26.77 -9.09 16.33
O2 GOL J . -25.72 -8.39 15.66
C3 GOL J . -26.20 -10.30 17.09
O3 GOL J . -25.26 -11.02 16.29
C1 GOL K . 6.83 -1.21 5.38
O1 GOL K . 7.58 -0.46 4.42
C2 GOL K . 7.67 -2.32 6.02
O2 GOL K . 8.36 -3.07 5.01
C3 GOL K . 8.69 -1.76 7.02
O3 GOL K . 8.15 -1.77 8.34
C1 GOL L . -4.56 -14.77 -6.89
O1 GOL L . -5.15 -13.48 -6.70
C2 GOL L . -3.88 -14.84 -8.26
O2 GOL L . -2.66 -14.10 -8.24
C3 GOL L . -3.60 -16.30 -8.66
O3 GOL L . -2.98 -17.03 -7.59
C1 GOL M . -30.28 -15.69 -2.46
O1 GOL M . -31.62 -15.32 -2.18
C2 GOL M . -29.83 -15.11 -3.80
O2 GOL M . -30.08 -13.70 -3.77
C3 GOL M . -28.33 -15.34 -4.03
O3 GOL M . -28.04 -15.45 -5.44
C1 GOL N . -26.29 -18.17 11.56
O1 GOL N . -27.02 -16.98 11.95
C2 GOL N . -25.92 -18.15 10.07
O2 GOL N . -24.50 -18.00 9.89
C3 GOL N . -26.41 -19.40 9.31
O3 GOL N . -25.36 -20.34 9.08
C ACT O . -15.69 3.05 3.54
O ACT O . -15.31 4.23 3.31
OXT ACT O . -16.75 2.60 3.07
CH3 ACT O . -14.83 2.17 4.40
C ACT P . -46.17 2.25 -8.22
O ACT P . -45.02 2.39 -8.71
OXT ACT P . -47.00 1.46 -8.73
CH3 ACT P . -46.56 3.04 -7.01
#